data_4PNX
#
_entry.id   4PNX
#
_cell.length_a   53.742
_cell.length_b   80.379
_cell.length_c   73.177
_cell.angle_alpha   90.00
_cell.angle_beta   103.50
_cell.angle_gamma   90.00
#
_symmetry.space_group_name_H-M   'P 1 21 1'
#
loop_
_entity.id
_entity.type
_entity.pdbx_description
1 polymer Lactoperoxidase
2 non-polymer 'CALCIUM ION'
3 non-polymer 'PROTOPORPHYRIN IX CONTAINING FE'
4 non-polymer 2-acetamido-2-deoxy-beta-D-glucopyranose
5 non-polymer BROMOMETHANE
6 non-polymer 'IODIDE ION'
7 water water
#
_entity_poly.entity_id   1
_entity_poly.type   'polypeptide(L)'
_entity_poly.pdbx_seq_one_letter_code
;SWEVGCGAPVPLVKCDENSPYRTITGDCNNRRSPALGAANRALARWLPAEYEDGLALPFGWTQRKTRNGFRVPLAREVSN
KIVGYLDEEGVLDQNRSLLFMQWGQIVDHDLDFAPETELGSNEHSKTQCEEYCIQGDNCFPIMFPKNDPKLKTQGKCMPF
FRAGFVCPTPPYQSLAREQINAVTSFLDASLVYGSEP(SEP)LASRLRNLSSPLGLMAVNQEAWDHGLAYLPFNNKKPSP
CEFINTTARVPCFLAGDFRASEQILLATAHTLLLREHNRLARELKKLNPHWNGEKLYQEARKILGAFIQIITFRDYLPIV
LGSEMQKWIPPYQGYNNSVDPRISNVFTFAFRFGHMEVPSTVSRLDENYQPWGPEAELPLHTLFFNTWRIIKDGGIDPLV
RGLLAKKSKLMNQDKMVTSELRNKLFQPTHKIHGFDLAAINLQRCRDHGMPGYNSWRGFCGLSQPKTLKGLQTVLKNKIL
AKKLMDLYKTPDNIDIWIGGNAEPMVERGRVGPLLACLLGRQFQQIRDGDRFWWENPGVFTEKQRDSLQKVSFSRLICDN
THITKVPLHAFQANNYPHDFVDCSTVDKLDLSPWASREN
;
_entity_poly.pdbx_strand_id   A
#
loop_
_chem_comp.id
_chem_comp.type
_chem_comp.name
_chem_comp.formula
BMM non-polymer BROMOMETHANE 'C H3 Br'
CA non-polymer 'CALCIUM ION' 'Ca 2'
HEM non-polymer 'PROTOPORPHYRIN IX CONTAINING FE' 'C34 H32 Fe N4 O4'
IOD non-polymer 'IODIDE ION' 'I -1'
NAG D-saccharide, beta linking 2-acetamido-2-deoxy-beta-D-glucopyranose 'C8 H15 N O6'
#
# COMPACT_ATOMS: atom_id res chain seq x y z
N SER A 1 12.55 -30.49 7.32
CA SER A 1 11.34 -30.25 8.15
C SER A 1 11.63 -29.52 9.47
N TRP A 2 11.22 -28.24 9.54
CA TRP A 2 11.27 -27.45 10.79
C TRP A 2 9.74 -27.58 10.81
N GLU A 3 9.10 -27.04 11.84
CA GLU A 3 7.86 -27.43 12.54
C GLU A 3 6.62 -27.00 11.75
N VAL A 4 5.46 -27.07 12.41
CA VAL A 4 4.19 -26.55 11.88
C VAL A 4 3.87 -25.25 12.63
N GLY A 5 4.41 -24.14 12.11
CA GLY A 5 4.21 -22.81 12.67
C GLY A 5 5.07 -22.65 13.92
N CYS A 6 5.56 -21.44 14.07
CA CYS A 6 6.36 -21.04 15.20
C CYS A 6 5.47 -19.93 15.67
N GLY A 7 5.06 -20.01 16.91
CA GLY A 7 4.04 -19.07 17.40
C GLY A 7 4.50 -19.03 18.84
N ALA A 8 4.76 -17.82 19.35
CA ALA A 8 4.61 -17.29 20.70
C ALA A 8 3.57 -16.15 20.73
N PRO A 9 3.54 -15.30 19.67
CA PRO A 9 2.33 -14.50 19.43
C PRO A 9 1.21 -15.26 18.66
N VAL A 10 0.50 -16.18 19.31
CA VAL A 10 -0.69 -16.88 18.73
C VAL A 10 -1.73 -16.72 19.83
N PRO A 11 -2.12 -15.46 20.01
CA PRO A 11 -2.66 -14.83 21.22
C PRO A 11 -4.17 -15.02 21.31
N LEU A 12 -4.51 -16.26 21.59
CA LEU A 12 -5.90 -16.64 21.71
C LEU A 12 -6.43 -16.92 20.30
N VAL A 13 -6.54 -18.21 19.94
CA VAL A 13 -7.21 -18.63 18.71
C VAL A 13 -8.33 -19.62 19.09
N LYS A 14 -9.49 -19.06 19.42
CA LYS A 14 -10.70 -19.85 19.57
C LYS A 14 -11.60 -19.51 18.39
N CYS A 15 -12.06 -20.54 17.69
CA CYS A 15 -12.70 -20.31 16.40
C CYS A 15 -14.18 -20.44 16.45
N ASP A 16 -14.85 -19.38 16.00
CA ASP A 16 -16.23 -19.51 15.60
C ASP A 16 -16.25 -19.59 14.07
N GLU A 17 -16.76 -20.72 13.61
CA GLU A 17 -16.97 -20.95 12.21
C GLU A 17 -18.23 -20.20 11.86
N ASN A 18 -19.23 -20.37 12.72
CA ASN A 18 -20.58 -19.84 12.53
C ASN A 18 -20.67 -18.33 12.59
N SER A 19 -20.21 -17.68 11.53
CA SER A 19 -20.32 -16.24 11.34
C SER A 19 -20.76 -15.89 9.92
N PRO A 20 -21.65 -14.88 9.79
CA PRO A 20 -21.93 -14.28 8.48
C PRO A 20 -20.94 -13.17 8.14
N TYR A 21 -20.00 -12.90 9.04
CA TYR A 21 -19.04 -11.79 8.88
C TYR A 21 -17.57 -12.19 9.13
N ARG A 22 -16.63 -11.45 8.53
CA ARG A 22 -15.21 -11.73 8.72
C ARG A 22 -14.94 -11.44 10.17
N THR A 23 -13.90 -12.05 10.74
CA THR A 23 -13.31 -11.47 11.95
C THR A 23 -12.63 -10.13 11.59
N ILE A 24 -12.13 -9.42 12.60
CA ILE A 24 -11.31 -8.28 12.34
C ILE A 24 -9.89 -8.75 12.01
N THR A 25 -9.41 -9.75 12.74
CA THR A 25 -8.02 -10.19 12.62
C THR A 25 -7.73 -11.01 11.37
N GLY A 26 -8.80 -11.46 10.70
CA GLY A 26 -8.67 -12.39 9.57
C GLY A 26 -8.71 -13.86 9.94
N ASP A 27 -8.58 -14.15 11.23
CA ASP A 27 -8.74 -15.52 11.74
C ASP A 27 -10.11 -16.20 11.49
N CYS A 28 -10.08 -17.45 11.04
CA CYS A 28 -11.29 -18.24 10.90
C CYS A 28 -11.88 -18.02 9.48
N ASN A 29 -11.09 -17.47 8.55
CA ASN A 29 -11.50 -17.38 7.14
C ASN A 29 -11.40 -18.76 6.49
N ASN A 30 -10.23 -19.39 6.59
CA ASN A 30 -10.09 -20.78 6.26
C ASN A 30 -10.48 -21.56 7.50
N ARG A 31 -11.58 -22.31 7.44
CA ARG A 31 -12.08 -23.06 8.62
C ARG A 31 -11.25 -24.33 8.87
N ARG A 32 -10.76 -24.93 7.79
CA ARG A 32 -9.87 -26.05 7.92
C ARG A 32 -8.52 -25.62 8.50
N SER A 33 -8.14 -24.39 8.15
CA SER A 33 -6.95 -23.71 8.66
C SER A 33 -7.47 -22.33 9.04
N PRO A 34 -7.24 -21.93 10.28
CA PRO A 34 -8.03 -20.85 10.89
C PRO A 34 -7.11 -19.62 10.84
N ALA A 35 -5.81 -19.81 10.95
CA ALA A 35 -4.88 -18.68 11.01
C ALA A 35 -4.36 -18.21 9.63
N LEU A 36 -4.52 -19.03 8.60
CA LEU A 36 -4.19 -18.57 7.24
C LEU A 36 -4.80 -17.22 6.87
N GLY A 37 -3.94 -16.22 6.65
CA GLY A 37 -4.40 -14.92 6.14
C GLY A 37 -4.70 -13.88 7.22
N ALA A 38 -4.63 -14.33 8.47
CA ALA A 38 -4.81 -13.48 9.61
C ALA A 38 -3.62 -12.54 9.71
N ALA A 39 -3.83 -11.38 10.29
CA ALA A 39 -2.73 -10.47 10.62
C ALA A 39 -1.92 -11.00 11.76
N ASN A 40 -0.81 -10.33 12.01
CA ASN A 40 0.16 -10.70 13.03
C ASN A 40 0.82 -12.07 12.88
N ARG A 41 0.84 -12.59 11.65
CA ARG A 41 1.60 -13.79 11.34
C ARG A 41 2.73 -13.46 10.37
N ALA A 42 3.63 -14.41 10.17
CA ALA A 42 4.72 -14.26 9.21
C ALA A 42 4.16 -14.06 7.79
N LEU A 43 4.83 -13.24 6.96
CA LEU A 43 4.59 -13.22 5.50
C LEU A 43 4.94 -14.60 4.95
N ALA A 44 4.17 -15.08 3.97
CA ALA A 44 4.52 -16.35 3.31
C ALA A 44 5.87 -16.28 2.60
N ARG A 45 6.58 -17.38 2.56
CA ARG A 45 7.73 -17.49 1.70
C ARG A 45 7.37 -18.35 0.49
N TRP A 46 7.44 -17.77 -0.71
CA TRP A 46 7.24 -18.53 -1.94
C TRP A 46 8.53 -19.21 -2.29
N LEU A 47 9.62 -18.63 -1.80
CA LEU A 47 10.97 -19.15 -2.02
C LEU A 47 11.67 -18.97 -0.71
N PRO A 48 12.65 -19.83 -0.39
CA PRO A 48 13.36 -19.65 0.89
C PRO A 48 14.13 -18.32 1.03
N ALA A 49 14.08 -17.76 2.22
CA ALA A 49 14.87 -16.62 2.60
C ALA A 49 16.33 -16.79 2.13
N GLU A 50 16.95 -15.70 1.66
CA GLU A 50 18.37 -15.66 1.34
C GLU A 50 19.03 -14.55 2.16
N TYR A 51 19.55 -14.94 3.32
CA TYR A 51 20.33 -14.07 4.19
C TYR A 51 21.79 -14.38 4.03
N GLU A 52 22.62 -13.36 4.25
CA GLU A 52 24.08 -13.52 4.32
C GLU A 52 24.59 -14.75 5.08
N ASP A 53 23.98 -15.01 6.24
CA ASP A 53 24.45 -16.07 7.15
C ASP A 53 23.42 -17.21 7.19
N GLY A 54 22.60 -17.31 6.14
CA GLY A 54 21.60 -18.37 6.04
C GLY A 54 20.39 -18.13 6.90
N LEU A 55 20.56 -17.43 8.02
CA LEU A 55 19.52 -17.35 9.04
C LEU A 55 18.79 -16.02 9.19
N ALA A 56 19.53 -14.92 9.23
CA ALA A 56 18.92 -13.63 9.42
C ALA A 56 20.00 -12.59 9.60
N LEU A 57 20.69 -12.32 8.52
CA LEU A 57 21.64 -11.25 8.38
C LEU A 57 21.49 -10.85 6.96
N PRO A 58 21.37 -9.58 6.70
CA PRO A 58 21.11 -9.19 5.32
C PRO A 58 22.38 -9.15 4.51
N PHE A 59 22.26 -9.46 3.23
CA PHE A 59 23.35 -9.20 2.32
C PHE A 59 23.65 -7.70 2.34
N GLY A 60 24.95 -7.36 2.45
CA GLY A 60 25.43 -6.02 2.68
C GLY A 60 25.86 -5.70 4.10
N TRP A 61 25.51 -6.55 5.05
CA TRP A 61 25.79 -6.32 6.49
C TRP A 61 27.27 -6.41 6.85
N THR A 62 27.94 -7.47 6.42
CA THR A 62 29.32 -7.70 6.81
C THR A 62 30.19 -7.29 5.63
N GLN A 63 30.95 -6.22 5.81
CA GLN A 63 31.69 -5.58 4.73
C GLN A 63 32.23 -6.64 3.75
N ARG A 64 32.98 -7.58 4.32
CA ARG A 64 33.82 -8.54 3.60
C ARG A 64 33.10 -9.79 3.03
N LYS A 65 31.84 -9.98 3.41
CA LYS A 65 31.01 -11.10 2.97
C LYS A 65 30.17 -10.71 1.76
N THR A 66 30.36 -11.44 0.67
CA THR A 66 29.73 -11.12 -0.61
C THR A 66 28.35 -11.76 -0.84
N ARG A 67 27.76 -11.44 -1.99
CA ARG A 67 26.70 -12.25 -2.58
C ARG A 67 27.21 -12.79 -3.90
N ASN A 68 27.11 -14.11 -4.08
CA ASN A 68 27.66 -14.81 -5.23
C ASN A 68 29.04 -14.32 -5.68
N GLY A 69 29.85 -13.91 -4.71
CA GLY A 69 31.23 -13.55 -4.92
C GLY A 69 31.46 -12.07 -5.11
N PHE A 70 30.42 -11.26 -4.98
CA PHE A 70 30.54 -9.81 -5.18
C PHE A 70 29.96 -8.99 -4.02
N ARG A 71 30.38 -7.76 -3.91
CA ARG A 71 29.78 -6.90 -2.92
C ARG A 71 28.49 -6.43 -3.50
N VAL A 72 27.54 -6.23 -2.61
CA VAL A 72 26.30 -5.65 -3.03
C VAL A 72 26.46 -4.14 -3.04
N PRO A 73 25.98 -3.51 -4.11
CA PRO A 73 26.12 -2.04 -4.11
C PRO A 73 25.29 -1.40 -2.98
N LEU A 74 25.70 -0.21 -2.53
CA LEU A 74 24.97 0.46 -1.45
C LEU A 74 23.63 0.92 -2.00
N ALA A 75 22.53 0.60 -1.31
CA ALA A 75 21.20 1.07 -1.70
C ALA A 75 21.21 2.47 -2.27
N ARG A 76 21.82 3.40 -1.57
CA ARG A 76 21.79 4.81 -1.98
C ARG A 76 22.50 5.05 -3.30
N GLU A 77 23.53 4.25 -3.57
CA GLU A 77 24.30 4.38 -4.80
C GLU A 77 23.47 3.90 -6.01
N VAL A 78 22.88 2.72 -5.90
CA VAL A 78 21.89 2.28 -6.90
C VAL A 78 20.82 3.34 -7.09
N SER A 79 20.34 3.91 -6.01
CA SER A 79 19.37 5.00 -6.08
C SER A 79 19.88 6.24 -6.82
N ASN A 80 21.11 6.66 -6.58
CA ASN A 80 21.71 7.80 -7.32
C ASN A 80 21.99 7.48 -8.76
N LYS A 81 22.49 6.28 -9.02
CA LYS A 81 23.02 5.99 -10.33
C LYS A 81 21.99 5.49 -11.34
N ILE A 82 20.90 4.93 -10.84
CA ILE A 82 19.87 4.32 -11.66
C ILE A 82 18.49 4.94 -11.43
N VAL A 83 18.14 5.24 -10.17
CA VAL A 83 16.75 5.58 -9.88
C VAL A 83 16.47 7.05 -10.09
N GLY A 84 17.47 7.88 -9.86
CA GLY A 84 17.32 9.33 -9.93
C GLY A 84 17.07 9.90 -11.32
N TYR A 85 16.55 11.13 -11.31
CA TYR A 85 16.44 11.97 -12.49
C TYR A 85 16.07 13.39 -12.05
N LEU A 86 16.18 14.35 -12.98
CA LEU A 86 16.04 15.79 -12.69
C LEU A 86 14.84 16.36 -13.40
N ASP A 87 14.62 15.94 -14.64
CA ASP A 87 13.60 16.58 -15.43
C ASP A 87 12.25 15.95 -15.25
N GLU A 88 11.33 16.68 -14.63
CA GLU A 88 9.97 16.22 -14.45
C GLU A 88 9.14 16.30 -15.71
N GLU A 89 9.63 17.02 -16.72
CA GLU A 89 8.83 17.23 -17.95
C GLU A 89 8.70 15.91 -18.65
N GLY A 90 7.53 15.69 -19.27
CA GLY A 90 7.27 14.47 -20.04
C GLY A 90 7.32 13.17 -19.25
N VAL A 91 7.08 13.19 -17.95
CA VAL A 91 7.12 11.95 -17.20
C VAL A 91 5.75 11.44 -16.83
N LEU A 92 4.73 12.17 -17.26
CA LEU A 92 3.35 11.88 -16.87
C LEU A 92 2.76 10.78 -17.73
N ASP A 93 1.86 10.02 -17.11
CA ASP A 93 1.21 8.91 -17.76
C ASP A 93 -0.06 9.45 -18.40
N GLN A 94 -0.11 9.37 -19.73
CA GLN A 94 -1.20 9.97 -20.49
C GLN A 94 -2.47 9.12 -20.44
N ASN A 95 -2.32 7.85 -20.06
CA ASN A 95 -3.46 6.94 -19.97
C ASN A 95 -3.90 6.61 -18.54
N ARG A 96 -3.27 7.25 -17.54
CA ARG A 96 -3.65 6.98 -16.16
C ARG A 96 -3.91 8.26 -15.31
N SER A 97 -5.05 8.30 -14.64
CA SER A 97 -5.33 9.39 -13.74
C SER A 97 -4.44 9.25 -12.51
N LEU A 98 -4.36 10.28 -11.68
CA LEU A 98 -3.58 10.25 -10.44
C LEU A 98 -4.23 9.27 -9.45
N LEU A 99 -5.48 8.92 -9.73
CA LEU A 99 -6.21 7.96 -8.91
C LEU A 99 -5.67 6.54 -9.13
N PHE A 100 -5.07 6.27 -10.27
CA PHE A 100 -4.46 4.95 -10.53
C PHE A 100 -3.30 4.75 -9.54
N MET A 101 -2.47 5.76 -9.36
CA MET A 101 -1.47 5.67 -8.32
C MET A 101 -2.11 5.42 -6.95
N GLN A 102 -3.07 6.28 -6.57
CA GLN A 102 -3.59 6.31 -5.22
C GLN A 102 -4.36 5.05 -4.85
N TRP A 103 -5.25 4.62 -5.74
CA TRP A 103 -5.85 3.29 -5.53
C TRP A 103 -4.76 2.22 -5.23
N GLY A 104 -3.72 2.16 -6.05
CA GLY A 104 -2.62 1.23 -5.77
C GLY A 104 -2.14 1.24 -4.32
N GLN A 105 -1.95 2.41 -3.72
CA GLN A 105 -1.48 2.49 -2.33
C GLN A 105 -2.55 2.06 -1.34
N ILE A 106 -3.82 2.37 -1.65
CA ILE A 106 -4.97 1.91 -0.87
C ILE A 106 -4.90 0.41 -0.73
N VAL A 107 -4.89 -0.27 -1.87
CA VAL A 107 -4.91 -1.74 -1.92
C VAL A 107 -3.68 -2.33 -1.25
N ASP A 108 -2.53 -1.75 -1.50
CA ASP A 108 -1.28 -2.21 -0.90
C ASP A 108 -1.34 -2.14 0.62
N HIS A 109 -1.99 -1.11 1.14
CA HIS A 109 -2.12 -0.91 2.58
C HIS A 109 -3.18 -1.81 3.22
N ASP A 110 -4.09 -2.29 2.41
CA ASP A 110 -5.09 -3.24 2.87
C ASP A 110 -4.42 -4.60 2.99
N LEU A 111 -3.37 -4.80 2.21
CA LEU A 111 -2.80 -6.15 2.02
C LEU A 111 -1.65 -6.46 2.92
N ASP A 112 -0.74 -5.51 3.11
CA ASP A 112 0.49 -5.80 3.84
C ASP A 112 1.07 -4.62 4.62
N PHE A 113 1.75 -4.92 5.71
CA PHE A 113 2.53 -3.93 6.42
C PHE A 113 3.53 -4.99 6.80
N ALA A 114 4.80 -4.62 6.91
CA ALA A 114 5.85 -5.22 7.76
C ALA A 114 6.57 -4.11 8.51
N PRO A 115 6.02 -3.73 9.68
CA PRO A 115 6.48 -2.55 10.42
C PRO A 115 7.77 -2.81 11.16
N GLU A 116 8.54 -1.74 11.36
CA GLU A 116 9.79 -1.80 12.09
C GLU A 116 9.63 -2.42 13.48
N THR A 117 10.69 -3.10 13.93
CA THR A 117 10.75 -3.75 15.25
C THR A 117 10.34 -2.83 16.42
N GLU A 118 9.65 -3.41 17.41
CA GLU A 118 9.23 -2.68 18.61
C GLU A 118 9.89 -2.74 20.01
N LEU A 119 11.22 -2.92 19.98
CA LEU A 119 12.05 -3.16 21.18
C LEU A 119 12.81 -1.87 21.55
N GLY A 120 12.27 -0.76 21.02
CA GLY A 120 12.78 0.59 21.19
C GLY A 120 12.00 1.83 20.72
N SER A 121 10.93 2.19 21.40
CA SER A 121 10.23 3.50 21.23
C SER A 121 10.65 4.78 21.99
N ASN A 122 11.41 4.59 23.07
CA ASN A 122 11.94 5.69 23.85
C ASN A 122 13.25 5.37 24.58
N GLU A 123 14.31 5.17 23.82
CA GLU A 123 15.64 4.84 24.32
C GLU A 123 16.63 5.82 23.67
N HIS A 124 17.88 5.79 24.11
CA HIS A 124 19.03 6.29 23.34
C HIS A 124 19.14 5.61 21.98
N SER A 125 19.13 4.28 22.03
CA SER A 125 19.26 3.37 20.88
C SER A 125 18.68 3.90 19.57
N LYS A 126 17.46 4.44 19.62
CA LYS A 126 16.81 5.04 18.47
C LYS A 126 17.70 6.12 17.84
N THR A 127 17.86 7.23 18.54
CA THR A 127 18.68 8.35 18.08
C THR A 127 20.14 7.96 17.84
N GLN A 128 20.54 6.78 18.29
CA GLN A 128 21.89 6.26 18.05
C GLN A 128 22.10 5.90 16.58
N CYS A 129 21.03 5.46 15.94
CA CYS A 129 21.05 5.12 14.53
C CYS A 129 21.00 6.40 13.69
N GLU A 130 20.15 7.37 14.08
CA GLU A 130 20.11 8.67 13.36
C GLU A 130 21.38 9.49 13.61
N GLU A 131 21.85 9.49 14.86
CA GLU A 131 23.01 10.30 15.26
C GLU A 131 24.38 9.72 14.90
N TYR A 132 24.56 8.41 15.09
CA TYR A 132 25.92 7.87 15.04
C TYR A 132 26.22 6.93 13.87
N CYS A 133 25.19 6.53 13.12
CA CYS A 133 25.35 5.65 11.94
C CYS A 133 26.07 4.35 12.29
N ILE A 134 25.61 3.70 13.36
CA ILE A 134 26.21 2.44 13.81
C ILE A 134 25.38 1.19 13.54
N GLN A 135 25.75 0.47 12.50
CA GLN A 135 25.19 -0.84 12.21
C GLN A 135 25.27 -1.63 13.50
N GLY A 136 24.12 -2.09 13.97
CA GLY A 136 23.99 -2.60 15.32
C GLY A 136 23.23 -3.89 15.41
N ASP A 137 22.06 -3.84 16.03
CA ASP A 137 21.25 -5.04 16.21
C ASP A 137 19.99 -5.20 15.40
N ASN A 138 19.19 -4.15 15.35
CA ASN A 138 18.20 -3.92 14.31
C ASN A 138 18.41 -2.56 13.62
N CYS A 139 19.59 -1.97 13.82
CA CYS A 139 19.95 -0.73 13.17
C CYS A 139 20.88 -1.11 12.04
N PHE A 140 20.51 -0.68 10.84
CA PHE A 140 21.13 -1.17 9.63
C PHE A 140 21.20 0.04 8.70
N PRO A 141 22.02 1.05 9.08
CA PRO A 141 21.92 2.35 8.43
C PRO A 141 22.24 2.25 6.96
N ILE A 142 21.63 3.14 6.20
CA ILE A 142 21.87 3.26 4.76
C ILE A 142 23.03 4.25 4.56
N MET A 143 24.18 3.73 4.15
CA MET A 143 25.38 4.55 4.10
C MET A 143 25.43 5.29 2.78
N PHE A 144 25.83 6.55 2.84
CA PHE A 144 26.07 7.36 1.66
C PHE A 144 27.34 6.95 0.94
N PRO A 145 27.30 6.90 -0.41
CA PRO A 145 28.48 6.62 -1.24
C PRO A 145 29.42 7.82 -1.35
N LYS A 146 30.65 7.58 -1.83
CA LYS A 146 31.67 8.64 -1.90
C LYS A 146 31.13 9.99 -2.37
N ASN A 147 30.42 10.01 -3.49
CA ASN A 147 30.18 11.27 -4.17
C ASN A 147 28.85 12.00 -3.83
N ASP A 148 28.15 11.49 -2.83
CA ASP A 148 26.77 11.83 -2.58
C ASP A 148 26.61 13.25 -2.01
N PRO A 149 25.79 14.08 -2.68
CA PRO A 149 25.53 15.45 -2.18
C PRO A 149 25.07 15.52 -0.73
N LYS A 150 24.31 14.52 -0.28
CA LYS A 150 23.81 14.49 1.09
C LYS A 150 24.87 14.44 2.22
N LEU A 151 26.07 13.98 1.86
CA LEU A 151 27.21 13.96 2.76
C LEU A 151 27.53 15.41 3.22
N LYS A 152 27.28 16.36 2.34
CA LYS A 152 27.47 17.78 2.61
C LYS A 152 26.43 18.38 3.54
N THR A 153 25.23 17.81 3.59
CA THR A 153 24.14 18.48 4.36
C THR A 153 23.36 17.63 5.36
N GLN A 154 23.70 16.34 5.47
CA GLN A 154 22.96 15.48 6.37
C GLN A 154 23.74 14.60 7.35
N GLY A 155 24.85 14.05 6.85
CA GLY A 155 25.73 13.27 7.72
C GLY A 155 26.16 12.11 6.87
N LYS A 156 26.41 10.98 7.51
CA LYS A 156 27.13 9.89 6.88
C LYS A 156 26.20 8.79 6.36
N CYS A 157 24.98 8.77 6.87
CA CYS A 157 24.02 7.75 6.52
C CYS A 157 22.60 8.31 6.55
N MET A 158 21.65 7.49 6.14
CA MET A 158 20.25 7.62 6.57
C MET A 158 19.93 6.50 7.58
N PRO A 159 19.31 6.85 8.74
CA PRO A 159 18.83 5.86 9.72
C PRO A 159 17.85 4.85 9.11
N PHE A 160 18.00 3.58 9.50
CA PHE A 160 17.15 2.51 8.97
C PHE A 160 17.11 1.37 9.96
N PHE A 161 15.91 0.92 10.27
CA PHE A 161 15.73 -0.09 11.28
C PHE A 161 15.02 -1.33 10.74
N ARG A 162 15.68 -2.47 10.88
CA ARG A 162 15.18 -3.73 10.34
C ARG A 162 13.73 -3.99 10.70
N ALA A 163 12.96 -4.53 9.73
CA ALA A 163 11.59 -5.00 9.98
C ALA A 163 11.49 -6.04 11.09
N GLY A 164 10.37 -6.03 11.81
CA GLY A 164 10.03 -7.06 12.79
C GLY A 164 9.91 -8.47 12.23
N PHE A 165 9.97 -9.44 13.13
CA PHE A 165 9.96 -10.85 12.77
C PHE A 165 9.24 -11.66 13.84
N VAL A 166 8.63 -12.78 13.44
CA VAL A 166 7.75 -13.58 14.31
C VAL A 166 8.42 -14.38 15.41
N CYS A 167 7.65 -14.60 16.48
CA CYS A 167 8.03 -15.41 17.68
C CYS A 167 8.96 -14.27 18.18
N PRO A 168 10.20 -14.60 18.64
CA PRO A 168 10.89 -13.96 19.74
C PRO A 168 11.03 -12.60 19.06
N THR A 169 11.59 -11.66 19.83
CA THR A 169 11.66 -10.27 19.48
C THR A 169 12.75 -9.60 20.36
N PRO A 170 12.90 -10.04 21.65
CA PRO A 170 14.06 -9.58 22.46
C PRO A 170 15.57 -10.03 22.41
N PRO A 171 15.86 -11.35 22.27
CA PRO A 171 17.01 -11.95 21.57
C PRO A 171 16.69 -13.24 20.78
N TYR A 172 17.15 -13.33 19.52
CA TYR A 172 16.79 -14.44 18.61
C TYR A 172 17.95 -14.93 17.72
N GLN A 173 17.99 -16.26 17.45
CA GLN A 173 18.97 -16.90 16.57
C GLN A 173 18.78 -18.40 16.07
N SER A 174 17.58 -18.97 16.06
CA SER A 174 17.43 -20.39 15.70
C SER A 174 16.98 -20.90 14.32
N LEU A 175 15.87 -20.39 13.79
CA LEU A 175 15.39 -20.68 12.39
C LEU A 175 15.52 -19.42 11.51
N ALA A 176 15.14 -19.51 10.23
CA ALA A 176 15.28 -18.35 9.32
C ALA A 176 14.34 -17.22 9.70
N ARG A 177 14.88 -15.99 9.78
CA ARG A 177 14.08 -14.79 10.09
C ARG A 177 12.94 -14.49 9.09
N GLU A 178 11.73 -14.42 9.62
CA GLU A 178 10.52 -14.27 8.83
C GLU A 178 9.72 -13.03 9.25
N GLN A 179 9.63 -12.03 8.37
CA GLN A 179 8.94 -10.80 8.74
C GLN A 179 7.43 -10.95 8.91
N ILE A 180 6.89 -10.21 9.86
CA ILE A 180 5.49 -10.22 10.18
C ILE A 180 4.61 -9.41 9.19
N ASN A 181 3.40 -9.89 8.95
CA ASN A 181 2.40 -9.06 8.33
C ASN A 181 1.34 -8.63 9.37
N ALA A 182 1.33 -7.34 9.69
CA ALA A 182 0.41 -6.81 10.73
C ALA A 182 -1.03 -6.48 10.25
N VAL A 183 -1.31 -6.70 8.96
CA VAL A 183 -2.66 -6.48 8.46
C VAL A 183 -3.25 -7.79 7.89
N THR A 184 -4.53 -7.80 7.53
CA THR A 184 -5.14 -9.03 7.07
C THR A 184 -4.79 -9.17 5.61
N SER A 185 -4.48 -10.38 5.19
CA SER A 185 -4.08 -10.65 3.82
C SER A 185 -5.23 -10.47 2.82
N PHE A 186 -6.45 -10.59 3.33
CA PHE A 186 -7.68 -10.47 2.57
C PHE A 186 -7.94 -9.03 2.18
N LEU A 187 -8.46 -8.86 0.96
CA LEU A 187 -8.93 -7.59 0.49
C LEU A 187 -10.30 -7.36 1.11
N ASP A 188 -10.27 -6.70 2.27
CA ASP A 188 -11.36 -6.74 3.21
C ASP A 188 -11.87 -5.39 3.68
N ALA A 189 -11.21 -4.31 3.26
CA ALA A 189 -11.27 -2.98 3.91
C ALA A 189 -10.67 -2.92 5.33
N SER A 190 -9.62 -3.69 5.63
CA SER A 190 -8.96 -3.57 6.96
C SER A 190 -8.19 -2.28 7.18
N LEU A 191 -8.12 -1.45 6.14
CA LEU A 191 -7.41 -0.19 6.28
C LEU A 191 -8.36 0.87 6.81
N VAL A 192 -9.65 0.60 6.65
CA VAL A 192 -10.72 1.42 7.19
C VAL A 192 -11.15 0.94 8.59
N TYR A 193 -11.20 -0.37 8.82
CA TYR A 193 -11.67 -0.88 10.11
C TYR A 193 -10.62 -1.31 11.12
N GLY A 194 -9.36 -1.45 10.70
CA GLY A 194 -8.33 -1.95 11.60
C GLY A 194 -8.18 -3.46 11.45
N SER A 195 -7.04 -3.97 11.90
CA SER A 195 -6.76 -5.42 11.88
C SER A 195 -6.72 -6.02 13.27
N GLU A 196 -6.87 -5.18 14.28
CA GLU A 196 -6.91 -5.62 15.68
C GLU A 196 -8.24 -5.22 16.31
N PRO A 197 -8.89 -6.14 17.07
CA PRO A 197 -10.18 -5.75 17.68
C PRO A 197 -10.07 -4.56 18.63
N SEP A 198 -8.87 -4.33 19.15
CA SEP A 198 -8.56 -3.20 20.01
CB SEP A 198 -7.10 -3.35 20.50
OG SEP A 198 -6.86 -4.69 20.98
C SEP A 198 -8.77 -1.90 19.22
O SEP A 198 -9.62 -1.07 19.55
P SEP A 198 -5.91 -5.61 20.01
O1P SEP A 198 -4.91 -4.55 19.27
O2P SEP A 198 -6.85 -6.37 18.95
O3P SEP A 198 -4.98 -6.74 20.68
N LEU A 199 -8.00 -1.79 18.14
CA LEU A 199 -8.08 -0.64 17.27
C LEU A 199 -9.42 -0.57 16.56
N ALA A 200 -10.04 -1.71 16.30
CA ALA A 200 -11.29 -1.77 15.55
C ALA A 200 -12.47 -1.19 16.32
N SER A 201 -12.40 -1.35 17.64
CA SER A 201 -13.43 -0.82 18.54
C SER A 201 -13.19 0.67 18.80
N ARG A 202 -11.94 1.04 19.06
CA ARG A 202 -11.58 2.43 19.29
C ARG A 202 -12.03 3.34 18.15
N LEU A 203 -12.12 2.80 16.93
CA LEU A 203 -12.56 3.59 15.77
C LEU A 203 -14.06 3.65 15.61
N ARG A 204 -14.78 2.87 16.41
CA ARG A 204 -16.21 2.80 16.23
C ARG A 204 -16.88 3.82 17.11
N ASN A 205 -17.98 4.37 16.60
CA ASN A 205 -18.84 5.29 17.34
C ASN A 205 -19.86 4.51 18.16
N LEU A 206 -19.43 4.07 19.33
CA LEU A 206 -20.21 3.22 20.21
C LEU A 206 -21.41 3.98 20.80
N SER A 207 -21.21 5.26 21.04
CA SER A 207 -22.21 6.15 21.60
C SER A 207 -23.28 6.54 20.60
N SER A 208 -24.00 5.51 20.34
CA SER A 208 -25.40 5.29 19.93
C SER A 208 -25.28 4.03 19.04
N PRO A 209 -26.27 3.19 18.95
CA PRO A 209 -26.17 2.08 18.01
C PRO A 209 -26.74 2.40 16.62
N LEU A 210 -26.04 3.22 15.83
CA LEU A 210 -26.39 3.41 14.41
C LEU A 210 -25.35 2.81 13.46
N GLY A 211 -24.44 1.99 13.98
CA GLY A 211 -23.42 1.34 13.15
C GLY A 211 -22.55 2.34 12.40
N LEU A 212 -22.26 3.46 13.08
CA LEU A 212 -21.46 4.52 12.52
C LEU A 212 -20.02 4.37 12.93
N MET A 213 -19.14 4.83 12.06
CA MET A 213 -17.73 4.90 12.39
C MET A 213 -17.44 6.25 13.05
N ALA A 214 -16.69 6.20 14.15
CA ALA A 214 -16.27 7.39 14.96
C ALA A 214 -15.66 8.51 14.16
N VAL A 215 -16.37 9.64 14.01
CA VAL A 215 -15.89 10.79 13.19
C VAL A 215 -15.17 11.90 14.01
N ASN A 216 -14.65 12.92 13.30
CA ASN A 216 -13.90 13.99 13.95
C ASN A 216 -14.84 15.02 14.61
N GLN A 217 -14.58 15.31 15.89
CA GLN A 217 -15.46 16.21 16.65
C GLN A 217 -15.01 17.67 16.63
N GLU A 218 -13.75 17.92 16.28
CA GLU A 218 -13.19 19.29 16.30
C GLU A 218 -13.21 20.02 14.96
N ALA A 219 -13.42 19.31 13.85
CA ALA A 219 -13.47 19.99 12.57
C ALA A 219 -14.36 19.28 11.59
N TRP A 220 -14.77 19.96 10.54
CA TRP A 220 -15.65 19.37 9.56
C TRP A 220 -15.28 19.86 8.19
N ASP A 221 -15.91 19.28 7.17
CA ASP A 221 -15.71 19.51 5.73
C ASP A 221 -17.02 19.78 4.92
N HIS A 222 -17.46 20.94 5.38
CA HIS A 222 -18.65 21.58 5.00
C HIS A 222 -19.87 20.73 5.23
N GLY A 223 -20.14 20.16 6.40
CA GLY A 223 -21.25 19.24 6.38
C GLY A 223 -20.83 17.81 6.14
N LEU A 224 -19.57 17.59 5.77
CA LEU A 224 -19.05 16.23 5.63
C LEU A 224 -17.95 15.97 6.67
N ALA A 225 -17.77 14.70 7.00
CA ALA A 225 -16.90 14.26 8.10
C ALA A 225 -15.43 14.12 7.75
N TYR A 226 -14.63 14.07 8.81
CA TYR A 226 -13.21 13.76 8.77
C TYR A 226 -12.90 12.53 9.63
N LEU A 227 -11.78 11.85 9.38
CA LEU A 227 -11.32 10.85 10.34
C LEU A 227 -10.98 11.57 11.65
N PRO A 228 -11.13 10.89 12.80
CA PRO A 228 -10.77 11.51 14.09
C PRO A 228 -9.27 11.70 14.20
N PHE A 229 -8.80 12.62 15.02
CA PHE A 229 -7.36 12.80 15.17
C PHE A 229 -6.81 11.71 16.05
N ASN A 230 -5.68 11.16 15.65
CA ASN A 230 -4.90 10.40 16.59
C ASN A 230 -4.27 11.39 17.54
N ASN A 231 -4.47 11.21 18.83
CA ASN A 231 -3.97 12.17 19.81
C ASN A 231 -2.63 11.87 20.46
N LYS A 232 -1.94 10.86 19.95
CA LYS A 232 -0.63 10.50 20.46
C LYS A 232 0.42 11.56 20.15
N LYS A 233 0.89 12.23 21.21
CA LYS A 233 2.08 13.08 21.14
C LYS A 233 3.32 12.21 21.37
N PRO A 234 4.44 12.52 20.69
CA PRO A 234 4.57 13.56 19.70
C PRO A 234 3.95 13.09 18.39
N SER A 235 3.77 14.03 17.48
CA SER A 235 2.96 13.77 16.32
C SER A 235 3.65 14.29 15.07
N PRO A 236 3.88 13.40 14.11
CA PRO A 236 4.62 13.82 12.93
C PRO A 236 3.84 14.91 12.19
N CYS A 237 2.52 14.81 12.20
CA CYS A 237 1.69 15.76 11.51
C CYS A 237 1.63 17.13 12.15
N GLU A 238 1.82 17.18 13.47
CA GLU A 238 1.89 18.43 14.20
C GLU A 238 3.27 19.03 13.96
N PHE A 239 4.29 18.18 14.03
CA PHE A 239 5.69 18.59 13.76
C PHE A 239 5.96 19.32 12.42
N ILE A 240 5.22 19.05 11.37
CA ILE A 240 5.49 19.69 10.09
C ILE A 240 5.01 21.10 9.96
N ASN A 241 4.31 21.57 10.99
CA ASN A 241 3.80 22.94 11.03
C ASN A 241 3.28 23.27 12.42
N THR A 242 4.19 23.66 13.32
CA THR A 242 3.84 23.91 14.71
C THR A 242 2.74 24.96 14.91
N THR A 243 2.55 25.86 13.97
CA THR A 243 1.49 26.86 14.12
C THR A 243 0.07 26.32 13.89
N ALA A 244 -0.12 25.55 12.81
CA ALA A 244 -1.44 25.00 12.51
C ALA A 244 -1.79 23.86 13.46
N ARG A 245 -0.78 23.17 13.96
CA ARG A 245 -0.92 22.15 15.00
C ARG A 245 -2.06 21.17 14.74
N VAL A 246 -2.12 20.63 13.52
CA VAL A 246 -3.10 19.59 13.21
C VAL A 246 -2.46 18.22 13.30
N PRO A 247 -3.04 17.29 14.08
CA PRO A 247 -2.45 15.96 14.21
C PRO A 247 -2.79 15.07 13.04
N CYS A 248 -2.09 13.95 12.96
CA CYS A 248 -2.48 12.84 12.07
C CYS A 248 -3.87 12.30 12.42
N PHE A 249 -4.53 11.70 11.43
CA PHE A 249 -5.80 11.05 11.62
C PHE A 249 -5.68 9.69 12.27
N LEU A 250 -6.83 9.18 12.70
CA LEU A 250 -6.89 7.84 13.24
C LEU A 250 -7.67 6.99 12.25
N ALA A 251 -6.97 6.04 11.67
CA ALA A 251 -7.56 5.13 10.70
C ALA A 251 -7.25 3.69 11.10
N GLY A 252 -7.93 2.76 10.44
CA GLY A 252 -7.74 1.35 10.65
C GLY A 252 -6.36 0.95 10.22
N ASP A 253 -5.64 1.87 9.60
CA ASP A 253 -4.27 1.63 9.21
C ASP A 253 -3.44 2.84 9.60
N PHE A 254 -2.34 2.62 10.28
CA PHE A 254 -1.55 3.73 10.81
C PHE A 254 -0.81 4.58 9.75
N ARG A 255 -0.73 4.11 8.53
CA ARG A 255 0.00 4.85 7.48
C ARG A 255 -0.82 5.93 6.84
N ALA A 256 -2.06 6.13 7.31
CA ALA A 256 -3.08 6.92 6.57
C ALA A 256 -2.76 8.36 6.27
N SER A 257 -2.04 9.03 7.16
CA SER A 257 -1.65 10.44 6.94
C SER A 257 -0.22 10.62 6.39
N GLU A 258 0.33 9.53 5.84
CA GLU A 258 1.66 9.56 5.24
C GLU A 258 1.80 10.67 4.20
N GLN A 259 0.78 10.85 3.37
CA GLN A 259 0.82 11.84 2.34
C GLN A 259 -0.62 12.17 2.17
N ILE A 260 -0.89 13.36 1.66
CA ILE A 260 -2.20 13.97 1.84
C ILE A 260 -3.26 13.22 1.07
N LEU A 261 -2.92 12.71 -0.12
CA LEU A 261 -3.87 11.99 -0.95
C LEU A 261 -4.26 10.61 -0.35
N LEU A 262 -3.30 9.92 0.27
CA LEU A 262 -3.65 8.71 0.97
C LEU A 262 -4.76 9.07 1.96
N ALA A 263 -4.54 10.13 2.74
CA ALA A 263 -5.45 10.55 3.82
C ALA A 263 -6.81 10.97 3.28
N THR A 264 -6.83 11.46 2.05
CA THR A 264 -8.04 11.82 1.34
C THR A 264 -8.92 10.60 0.97
N ALA A 265 -8.25 9.51 0.55
CA ALA A 265 -8.90 8.33 0.05
C ALA A 265 -9.51 7.63 1.22
N HIS A 266 -8.74 7.56 2.30
CA HIS A 266 -9.17 7.00 3.56
C HIS A 266 -10.40 7.74 4.01
N THR A 267 -10.38 9.06 3.81
CA THR A 267 -11.46 9.94 4.22
C THR A 267 -12.76 9.66 3.47
N LEU A 268 -12.68 9.53 2.15
CA LEU A 268 -13.79 9.04 1.31
C LEU A 268 -14.39 7.68 1.74
N LEU A 269 -13.54 6.72 2.10
CA LEU A 269 -13.94 5.38 2.53
C LEU A 269 -14.76 5.35 3.82
N LEU A 270 -14.38 6.17 4.79
CA LEU A 270 -15.18 6.29 6.02
C LEU A 270 -16.53 6.93 5.69
N ARG A 271 -16.52 7.96 4.85
CA ARG A 271 -17.78 8.60 4.48
C ARG A 271 -18.70 7.63 3.79
N GLU A 272 -18.14 6.65 3.08
CA GLU A 272 -18.96 5.66 2.43
C GLU A 272 -19.57 4.73 3.44
N HIS A 273 -18.77 4.31 4.41
CA HIS A 273 -19.28 3.48 5.46
C HIS A 273 -20.57 4.10 5.99
N ASN A 274 -20.39 5.22 6.70
CA ASN A 274 -21.50 5.96 7.28
C ASN A 274 -22.66 6.24 6.33
N ARG A 275 -22.38 6.76 5.15
CA ARG A 275 -23.43 6.82 4.14
C ARG A 275 -24.15 5.46 4.07
N LEU A 276 -23.42 4.40 3.72
CA LEU A 276 -23.98 3.03 3.57
C LEU A 276 -24.78 2.62 4.78
N ALA A 277 -24.19 2.78 5.97
CA ALA A 277 -24.83 2.45 7.24
C ALA A 277 -26.19 3.15 7.34
N ARG A 278 -26.18 4.48 7.18
CA ARG A 278 -27.39 5.27 7.39
C ARG A 278 -28.51 4.87 6.42
N GLU A 279 -28.16 4.73 5.14
CA GLU A 279 -29.10 4.24 4.14
C GLU A 279 -29.73 2.92 4.57
N LEU A 280 -29.01 2.15 5.40
CA LEU A 280 -29.46 0.84 5.88
C LEU A 280 -30.52 0.98 6.96
N LYS A 281 -30.25 1.81 7.97
CA LYS A 281 -31.25 2.03 9.02
C LYS A 281 -32.53 2.62 8.42
N LYS A 282 -32.38 3.57 7.51
CA LYS A 282 -33.51 4.09 6.74
C LYS A 282 -34.11 2.99 5.89
N LEU A 283 -33.69 1.76 6.17
CA LEU A 283 -34.29 0.56 5.57
C LEU A 283 -34.62 -0.21 6.84
N ASN A 284 -33.65 -0.54 7.67
CA ASN A 284 -33.91 -1.40 8.78
C ASN A 284 -33.69 -0.92 10.16
N PRO A 285 -34.78 -0.53 10.79
CA PRO A 285 -34.74 -0.06 12.14
C PRO A 285 -34.48 -1.16 13.14
N HIS A 286 -34.77 -2.38 12.78
CA HIS A 286 -34.58 -3.47 13.71
C HIS A 286 -33.16 -3.62 14.13
N TRP A 287 -32.25 -3.52 13.17
CA TRP A 287 -30.85 -3.84 13.43
C TRP A 287 -30.26 -2.99 14.54
N ASN A 288 -29.33 -3.57 15.27
CA ASN A 288 -28.65 -2.89 16.35
C ASN A 288 -27.23 -2.50 15.92
N GLY A 289 -26.43 -2.02 16.89
CA GLY A 289 -25.10 -1.46 16.63
C GLY A 289 -24.24 -2.24 15.65
N GLU A 290 -24.14 -3.54 15.93
CA GLU A 290 -23.36 -4.47 15.15
C GLU A 290 -23.91 -4.71 13.74
N LYS A 291 -25.13 -5.20 13.63
CA LYS A 291 -25.66 -5.60 12.31
C LYS A 291 -25.49 -4.50 11.27
N LEU A 292 -25.67 -3.25 11.69
CA LEU A 292 -25.45 -2.11 10.80
C LEU A 292 -23.95 -1.90 10.48
N TYR A 293 -23.13 -1.90 11.51
CA TYR A 293 -21.69 -1.81 11.36
C TYR A 293 -21.18 -2.91 10.42
N GLN A 294 -21.33 -4.17 10.85
CA GLN A 294 -20.90 -5.34 10.10
C GLN A 294 -21.44 -5.39 8.66
N GLU A 295 -22.68 -4.95 8.47
CA GLU A 295 -23.33 -5.06 7.16
C GLU A 295 -22.89 -3.97 6.20
N ALA A 296 -22.37 -2.88 6.75
CA ALA A 296 -21.85 -1.81 5.90
C ALA A 296 -20.37 -2.11 5.60
N ARG A 297 -19.64 -2.49 6.65
CA ARG A 297 -18.31 -3.12 6.56
C ARG A 297 -18.16 -4.13 5.43
N LYS A 298 -19.06 -5.13 5.44
CA LYS A 298 -19.21 -6.14 4.41
C LYS A 298 -19.40 -5.52 3.02
N ILE A 299 -20.23 -4.50 2.91
CA ILE A 299 -20.36 -3.78 1.64
C ILE A 299 -19.10 -2.98 1.31
N LEU A 300 -18.45 -2.39 2.33
CA LEU A 300 -17.24 -1.61 2.03
C LEU A 300 -16.15 -2.50 1.43
N GLY A 301 -16.07 -3.75 1.95
CA GLY A 301 -15.08 -4.74 1.49
C GLY A 301 -15.28 -5.12 0.04
N ALA A 302 -16.52 -5.36 -0.33
CA ALA A 302 -16.85 -5.87 -1.64
C ALA A 302 -16.54 -4.83 -2.71
N PHE A 303 -16.79 -3.57 -2.38
CA PHE A 303 -16.55 -2.43 -3.26
C PHE A 303 -15.05 -2.31 -3.45
N ILE A 304 -14.31 -2.38 -2.35
CA ILE A 304 -12.89 -2.42 -2.51
C ILE A 304 -12.46 -3.50 -3.52
N GLN A 305 -12.99 -4.71 -3.34
CA GLN A 305 -12.63 -5.85 -4.21
C GLN A 305 -13.05 -5.61 -5.66
N ILE A 306 -14.27 -5.10 -5.87
CA ILE A 306 -14.78 -4.91 -7.23
C ILE A 306 -14.00 -3.85 -7.99
N ILE A 307 -13.63 -2.77 -7.29
CA ILE A 307 -12.87 -1.70 -7.93
C ILE A 307 -11.45 -2.14 -8.31
N THR A 308 -10.86 -2.90 -7.41
CA THR A 308 -9.51 -3.42 -7.58
C THR A 308 -9.48 -4.44 -8.69
N PHE A 309 -10.43 -5.36 -8.63
CA PHE A 309 -10.42 -6.45 -9.56
C PHE A 309 -11.08 -6.11 -10.92
N ARG A 310 -12.17 -5.34 -10.92
CA ARG A 310 -12.77 -4.91 -12.19
C ARG A 310 -12.08 -3.75 -12.88
N ASP A 311 -11.77 -2.68 -12.14
CA ASP A 311 -11.22 -1.44 -12.76
C ASP A 311 -9.70 -1.30 -12.72
N TYR A 312 -9.10 -1.73 -11.60
CA TYR A 312 -7.70 -1.46 -11.34
C TYR A 312 -6.74 -2.53 -11.89
N LEU A 313 -6.86 -3.77 -11.42
CA LEU A 313 -5.94 -4.83 -11.91
C LEU A 313 -5.78 -4.92 -13.44
N PRO A 314 -6.89 -4.84 -14.21
CA PRO A 314 -6.77 -5.02 -15.68
C PRO A 314 -5.89 -4.01 -16.36
N ILE A 315 -5.72 -2.84 -15.78
CA ILE A 315 -4.82 -1.87 -16.35
C ILE A 315 -3.44 -1.83 -15.70
N VAL A 316 -3.25 -2.51 -14.56
CA VAL A 316 -1.89 -2.79 -14.08
C VAL A 316 -1.27 -3.92 -14.93
N LEU A 317 -2.03 -5.01 -15.09
CA LEU A 317 -1.51 -6.29 -15.62
C LEU A 317 -1.70 -6.44 -17.11
N GLY A 318 -2.65 -5.71 -17.70
CA GLY A 318 -2.82 -5.65 -19.17
C GLY A 318 -2.97 -7.01 -19.83
N SER A 319 -2.18 -7.29 -20.86
CA SER A 319 -2.36 -8.54 -21.59
C SER A 319 -2.27 -9.75 -20.66
N GLU A 320 -1.49 -9.60 -19.60
CA GLU A 320 -1.22 -10.69 -18.66
C GLU A 320 -2.38 -10.96 -17.71
N MET A 321 -3.37 -10.08 -17.70
CA MET A 321 -4.49 -10.12 -16.75
C MET A 321 -5.21 -11.47 -16.56
N GLN A 322 -5.76 -12.02 -17.65
CA GLN A 322 -6.65 -13.18 -17.55
C GLN A 322 -5.80 -14.44 -17.62
N LYS A 323 -4.52 -14.24 -17.88
CA LYS A 323 -3.52 -15.28 -17.83
C LYS A 323 -3.31 -15.71 -16.35
N TRP A 324 -3.17 -14.75 -15.45
CA TRP A 324 -2.86 -15.00 -14.02
C TRP A 324 -4.09 -15.05 -13.14
N ILE A 325 -5.08 -14.26 -13.53
CA ILE A 325 -6.36 -14.18 -12.87
C ILE A 325 -7.49 -14.40 -13.89
N PRO A 326 -7.82 -15.67 -14.18
CA PRO A 326 -8.93 -16.02 -15.04
C PRO A 326 -10.26 -15.77 -14.35
N PRO A 327 -11.40 -15.90 -15.08
CA PRO A 327 -12.65 -15.61 -14.37
C PRO A 327 -12.83 -16.49 -13.15
N TYR A 328 -13.58 -15.97 -12.19
CA TYR A 328 -13.80 -16.62 -10.92
C TYR A 328 -14.70 -17.82 -11.08
N GLN A 329 -14.39 -18.86 -10.30
CA GLN A 329 -14.98 -20.17 -10.35
C GLN A 329 -15.39 -20.53 -8.92
N GLY A 330 -14.98 -19.71 -7.95
CA GLY A 330 -15.46 -19.88 -6.60
C GLY A 330 -14.34 -20.15 -5.61
N TYR A 331 -14.69 -20.01 -4.34
CA TYR A 331 -13.77 -20.22 -3.23
C TYR A 331 -13.09 -21.59 -3.31
N ASN A 332 -11.76 -21.56 -3.39
CA ASN A 332 -10.95 -22.78 -3.37
C ASN A 332 -10.13 -22.86 -2.09
N ASN A 333 -10.71 -23.49 -1.07
CA ASN A 333 -10.11 -23.57 0.25
C ASN A 333 -8.70 -24.22 0.32
N SER A 334 -8.24 -24.77 -0.80
CA SER A 334 -6.87 -25.28 -0.89
C SER A 334 -5.86 -24.20 -1.28
N VAL A 335 -6.34 -23.01 -1.67
CA VAL A 335 -5.46 -21.90 -2.08
C VAL A 335 -4.93 -21.17 -0.86
N ASP A 336 -3.68 -20.70 -0.95
CA ASP A 336 -3.00 -19.98 0.14
C ASP A 336 -3.20 -18.44 0.02
N PRO A 337 -3.97 -17.86 0.95
CA PRO A 337 -4.38 -16.46 0.89
C PRO A 337 -3.34 -15.47 1.42
N ARG A 338 -2.26 -15.97 2.00
CA ARG A 338 -1.28 -15.11 2.67
C ARG A 338 -0.51 -14.35 1.62
N ILE A 339 -0.16 -13.11 1.99
CA ILE A 339 0.71 -12.25 1.22
C ILE A 339 2.14 -12.80 1.30
N SER A 340 2.79 -12.87 0.15
CA SER A 340 4.14 -13.39 0.13
C SER A 340 5.00 -12.24 0.54
N ASN A 341 6.14 -12.58 1.12
CA ASN A 341 7.14 -11.56 1.40
C ASN A 341 7.47 -10.77 0.14
N VAL A 342 7.76 -11.49 -0.96
CA VAL A 342 8.09 -10.87 -2.24
C VAL A 342 7.04 -9.86 -2.74
N PHE A 343 5.76 -10.21 -2.75
CA PHE A 343 4.70 -9.22 -3.06
C PHE A 343 4.90 -7.84 -2.41
N THR A 344 5.31 -7.80 -1.14
CA THR A 344 5.42 -6.51 -0.44
C THR A 344 6.49 -5.70 -1.12
N PHE A 345 7.32 -6.35 -1.92
CA PHE A 345 8.27 -5.62 -2.74
C PHE A 345 7.78 -5.39 -4.16
N ALA A 346 7.17 -6.38 -4.78
CA ALA A 346 6.59 -6.23 -6.11
C ALA A 346 5.55 -5.11 -6.24
N PHE A 347 4.69 -4.90 -5.24
CA PHE A 347 3.67 -3.88 -5.27
C PHE A 347 4.28 -2.47 -5.06
N ARG A 348 5.54 -2.43 -4.66
CA ARG A 348 6.28 -1.15 -4.64
C ARG A 348 6.57 -0.55 -6.00
N PHE A 349 6.03 -1.13 -7.07
CA PHE A 349 6.18 -0.51 -8.38
C PHE A 349 5.50 0.82 -8.30
N GLY A 350 4.42 0.84 -7.54
CA GLY A 350 3.64 2.03 -7.34
C GLY A 350 4.53 3.21 -7.03
N HIS A 351 5.67 2.93 -6.43
CA HIS A 351 6.60 4.02 -6.16
C HIS A 351 7.03 4.84 -7.37
N MET A 352 7.05 4.22 -8.55
CA MET A 352 7.45 4.93 -9.77
C MET A 352 6.29 5.62 -10.47
N GLU A 353 5.10 5.53 -9.88
CA GLU A 353 3.94 6.10 -10.49
C GLU A 353 3.54 7.38 -9.80
N VAL A 354 4.41 7.86 -8.93
CA VAL A 354 4.14 9.01 -8.08
C VAL A 354 4.83 10.23 -8.68
N PRO A 355 4.05 11.29 -8.99
CA PRO A 355 4.56 12.47 -9.67
C PRO A 355 5.09 13.46 -8.62
N SER A 356 5.80 14.49 -9.10
CA SER A 356 6.43 15.48 -8.23
C SER A 356 5.50 16.48 -7.52
N THR A 357 4.27 16.64 -7.99
CA THR A 357 3.34 17.63 -7.40
C THR A 357 1.91 17.09 -7.24
N VAL A 358 1.16 17.74 -6.37
CA VAL A 358 -0.24 17.45 -6.12
C VAL A 358 -0.97 18.77 -6.17
N SER A 359 -2.11 18.80 -6.83
CA SER A 359 -2.84 20.03 -7.05
C SER A 359 -4.19 20.03 -6.33
N ARG A 360 -4.64 21.23 -6.02
CA ARG A 360 -6.00 21.45 -5.62
C ARG A 360 -6.60 22.05 -6.86
N LEU A 361 -7.75 21.56 -7.29
CA LEU A 361 -8.53 22.20 -8.35
C LEU A 361 -9.89 22.67 -7.85
N ASP A 362 -10.37 23.80 -8.37
CA ASP A 362 -11.67 24.33 -7.92
C ASP A 362 -12.84 23.70 -8.70
N GLU A 363 -14.05 24.18 -8.44
CA GLU A 363 -15.25 23.76 -9.17
C GLU A 363 -15.20 23.65 -10.67
N ASN A 364 -14.33 24.41 -11.33
CA ASN A 364 -14.20 24.34 -12.80
C ASN A 364 -12.99 23.56 -13.24
N TYR A 365 -12.37 22.86 -12.29
CA TYR A 365 -11.14 22.08 -12.51
C TYR A 365 -9.95 22.96 -12.93
N GLN A 366 -10.05 24.22 -12.49
CA GLN A 366 -8.96 25.18 -12.61
C GLN A 366 -8.18 25.32 -11.29
N PRO A 367 -6.91 25.73 -11.39
CA PRO A 367 -5.98 25.96 -10.29
C PRO A 367 -6.58 26.65 -9.04
N TRP A 368 -6.98 25.85 -8.05
CA TRP A 368 -7.53 26.36 -6.80
C TRP A 368 -6.41 27.31 -6.42
N GLY A 369 -6.77 28.57 -6.17
CA GLY A 369 -6.06 29.56 -5.39
C GLY A 369 -4.66 29.92 -5.85
N PRO A 370 -3.89 30.56 -4.98
CA PRO A 370 -2.58 31.06 -5.40
C PRO A 370 -1.50 29.99 -5.12
N GLU A 371 -1.88 28.91 -4.44
CA GLU A 371 -1.01 27.77 -4.17
C GLU A 371 -1.55 26.46 -4.73
N ALA A 372 -2.19 26.51 -5.89
CA ALA A 372 -2.87 25.35 -6.43
C ALA A 372 -2.00 24.09 -6.37
N GLU A 373 -0.81 24.17 -6.98
CA GLU A 373 0.03 23.03 -7.20
C GLU A 373 1.16 23.04 -6.21
N LEU A 374 1.21 22.00 -5.37
CA LEU A 374 2.20 21.86 -4.29
C LEU A 374 3.26 20.76 -4.52
N PRO A 375 4.53 21.01 -4.18
CA PRO A 375 5.49 19.91 -4.33
C PRO A 375 5.13 18.75 -3.38
N LEU A 376 5.18 17.52 -3.89
CA LEU A 376 4.87 16.37 -3.08
C LEU A 376 5.58 16.33 -1.72
N HIS A 377 6.82 16.76 -1.61
CA HIS A 377 7.48 16.52 -0.35
C HIS A 377 6.84 17.26 0.82
N THR A 378 6.15 18.37 0.58
CA THR A 378 5.54 19.11 1.69
C THR A 378 4.23 18.49 2.19
N LEU A 379 3.85 17.33 1.62
CA LEU A 379 2.55 16.71 1.90
C LEU A 379 2.70 15.42 2.69
N PHE A 380 3.92 15.06 3.08
CA PHE A 380 4.12 13.89 3.94
C PHE A 380 3.66 14.21 5.36
N PHE A 381 2.73 13.40 5.86
CA PHE A 381 2.22 13.61 7.22
C PHE A 381 1.63 15.00 7.36
N ASN A 382 1.21 15.55 6.22
CA ASN A 382 0.56 16.84 6.17
C ASN A 382 -0.96 16.70 6.24
N THR A 383 -1.51 16.84 7.43
CA THR A 383 -2.96 16.90 7.63
C THR A 383 -3.52 18.34 7.71
N TRP A 384 -2.67 19.33 7.97
CA TRP A 384 -3.15 20.73 8.03
C TRP A 384 -3.65 21.34 6.72
N ARG A 385 -3.08 20.90 5.60
CA ARG A 385 -3.50 21.44 4.31
C ARG A 385 -4.90 20.97 3.91
N ILE A 386 -5.35 19.87 4.49
CA ILE A 386 -6.75 19.47 4.37
C ILE A 386 -7.68 20.35 5.22
N ILE A 387 -7.50 20.28 6.54
CA ILE A 387 -8.41 20.90 7.49
C ILE A 387 -8.39 22.40 7.35
N LYS A 388 -7.21 22.97 7.53
CA LYS A 388 -7.04 24.41 7.50
C LYS A 388 -6.88 25.01 6.12
N ASP A 389 -6.88 24.18 5.08
CA ASP A 389 -6.65 24.68 3.72
C ASP A 389 -7.53 24.06 2.62
N GLY A 390 -8.84 24.09 2.82
CA GLY A 390 -9.78 23.73 1.73
C GLY A 390 -10.69 22.51 1.80
N GLY A 391 -10.42 21.56 2.69
CA GLY A 391 -11.17 20.29 2.66
C GLY A 391 -10.51 19.26 1.75
N ILE A 392 -11.23 18.20 1.35
CA ILE A 392 -10.57 17.19 0.54
C ILE A 392 -10.99 17.36 -0.91
N ASP A 393 -12.00 18.17 -1.15
CA ASP A 393 -12.64 18.22 -2.44
C ASP A 393 -11.72 18.70 -3.57
N PRO A 394 -10.94 19.79 -3.35
CA PRO A 394 -10.06 20.16 -4.46
C PRO A 394 -8.96 19.12 -4.72
N LEU A 395 -8.60 18.34 -3.71
CA LEU A 395 -7.56 17.34 -3.88
C LEU A 395 -8.12 16.18 -4.71
N VAL A 396 -9.37 15.79 -4.40
CA VAL A 396 -10.05 14.74 -5.13
C VAL A 396 -10.18 15.13 -6.62
N ARG A 397 -10.63 16.36 -6.89
CA ARG A 397 -10.67 16.89 -8.25
C ARG A 397 -9.35 16.68 -8.94
N GLY A 398 -8.28 17.01 -8.24
CA GLY A 398 -6.93 16.64 -8.70
C GLY A 398 -6.81 15.18 -9.10
N LEU A 399 -7.01 14.27 -8.15
CA LEU A 399 -7.02 12.81 -8.40
C LEU A 399 -7.70 12.46 -9.73
N LEU A 400 -8.83 13.09 -10.05
CA LEU A 400 -9.46 12.85 -11.38
C LEU A 400 -8.75 13.54 -12.53
N ALA A 401 -8.53 14.84 -12.37
CA ALA A 401 -8.12 15.69 -13.50
C ALA A 401 -6.67 15.59 -13.85
N LYS A 402 -5.87 15.01 -12.94
CA LYS A 402 -4.40 14.94 -13.05
C LYS A 402 -3.91 13.53 -13.33
N LYS A 403 -2.65 13.41 -13.75
CA LYS A 403 -2.08 12.15 -14.18
C LYS A 403 -1.04 11.57 -13.23
N SER A 404 -0.97 10.23 -13.13
CA SER A 404 0.13 9.56 -12.41
C SER A 404 1.40 9.81 -13.21
N LYS A 405 2.54 9.62 -12.56
CA LYS A 405 3.79 9.49 -13.26
C LYS A 405 3.80 8.15 -14.00
N LEU A 406 4.34 8.18 -15.19
CA LEU A 406 4.53 6.97 -15.96
C LEU A 406 5.89 6.48 -15.51
N MET A 407 6.02 5.20 -15.24
CA MET A 407 7.32 4.68 -14.92
C MET A 407 8.21 4.78 -16.19
N ASN A 408 9.50 5.05 -15.96
CA ASN A 408 10.46 5.37 -17.01
C ASN A 408 11.90 4.93 -16.66
N GLN A 409 12.53 4.15 -17.55
CA GLN A 409 13.83 3.54 -17.25
C GLN A 409 14.98 4.52 -17.04
N ASP A 410 14.91 5.70 -17.64
CA ASP A 410 15.91 6.74 -17.36
C ASP A 410 15.33 7.75 -16.33
N LYS A 411 14.08 7.55 -15.92
CA LYS A 411 13.42 8.47 -14.96
C LYS A 411 12.51 7.74 -13.97
N MET A 412 13.11 7.03 -13.01
CA MET A 412 12.34 6.08 -12.21
C MET A 412 11.55 6.62 -11.01
N VAL A 413 12.23 7.27 -10.05
CA VAL A 413 11.50 7.72 -8.87
C VAL A 413 11.79 9.18 -8.59
N THR A 414 10.73 9.99 -8.54
CA THR A 414 10.87 11.43 -8.37
C THR A 414 11.68 11.78 -7.10
N SER A 415 12.38 12.90 -7.12
CA SER A 415 13.24 13.28 -5.99
C SER A 415 12.48 13.69 -4.75
N GLU A 416 11.18 13.92 -4.89
CA GLU A 416 10.30 14.19 -3.78
C GLU A 416 10.37 13.04 -2.79
N LEU A 417 10.36 11.82 -3.35
CA LEU A 417 10.48 10.58 -2.58
C LEU A 417 11.95 10.09 -2.44
N ARG A 418 12.78 10.42 -3.43
CA ARG A 418 14.13 9.93 -3.47
C ARG A 418 15.10 10.77 -2.67
N ASN A 419 14.84 12.06 -2.52
CA ASN A 419 15.74 12.93 -1.77
C ASN A 419 15.08 13.59 -0.58
N LYS A 420 13.77 13.78 -0.65
CA LYS A 420 13.06 14.59 0.33
C LYS A 420 11.93 13.86 1.07
N LEU A 421 12.07 12.56 1.33
CA LEU A 421 11.02 11.81 2.07
C LEU A 421 11.04 12.20 3.54
N PHE A 422 9.85 12.39 4.12
CA PHE A 422 9.77 12.64 5.55
C PHE A 422 9.39 11.36 6.24
N GLN A 423 10.08 11.06 7.32
CA GLN A 423 9.80 9.86 8.10
C GLN A 423 9.54 10.32 9.51
N PRO A 424 8.62 9.65 10.22
CA PRO A 424 8.31 10.11 11.57
C PRO A 424 9.47 9.81 12.54
N THR A 425 9.50 10.53 13.65
CA THR A 425 10.65 10.62 14.61
C THR A 425 11.92 10.76 13.79
N HIS A 426 11.87 11.55 12.73
CA HIS A 426 13.12 11.89 12.10
C HIS A 426 12.69 13.31 11.80
N LYS A 427 13.65 14.22 11.88
CA LYS A 427 13.35 15.66 11.90
C LYS A 427 13.40 16.29 10.51
N ILE A 428 13.88 15.52 9.54
CA ILE A 428 14.24 16.10 8.25
C ILE A 428 13.50 15.51 7.06
N HIS A 429 13.35 16.30 6.01
CA HIS A 429 12.74 15.84 4.77
C HIS A 429 13.86 15.47 3.80
N GLY A 430 14.62 14.45 4.16
CA GLY A 430 15.81 14.10 3.43
C GLY A 430 16.04 12.62 3.19
N PHE A 431 15.00 11.80 3.25
CA PHE A 431 15.18 10.36 3.06
C PHE A 431 15.02 9.95 1.60
N ASP A 432 15.28 8.67 1.36
CA ASP A 432 15.28 8.12 0.01
C ASP A 432 14.46 6.84 0.00
N LEU A 433 13.24 6.96 -0.49
CA LEU A 433 12.41 5.79 -0.49
C LEU A 433 13.04 4.63 -1.30
N ALA A 434 13.68 4.94 -2.44
CA ALA A 434 14.40 3.92 -3.22
C ALA A 434 15.49 3.18 -2.43
N ALA A 435 16.46 3.94 -1.92
CA ALA A 435 17.48 3.37 -1.03
C ALA A 435 16.83 2.51 0.04
N ILE A 436 15.75 3.02 0.65
CA ILE A 436 14.98 2.29 1.65
C ILE A 436 14.24 1.02 1.15
N ASN A 437 13.66 1.04 -0.07
CA ASN A 437 13.18 -0.21 -0.62
C ASN A 437 14.32 -1.25 -0.70
N LEU A 438 15.51 -0.78 -1.06
CA LEU A 438 16.60 -1.68 -1.43
C LEU A 438 17.24 -2.26 -0.20
N GLN A 439 17.52 -1.41 0.78
CA GLN A 439 17.85 -1.90 2.13
C GLN A 439 16.80 -2.90 2.59
N ARG A 440 15.52 -2.52 2.47
CA ARG A 440 14.43 -3.37 2.86
C ARG A 440 14.42 -4.69 2.13
N CYS A 441 14.78 -4.71 0.85
CA CYS A 441 14.77 -5.93 0.11
C CYS A 441 15.66 -6.91 0.84
N ARG A 442 16.83 -6.41 1.24
CA ARG A 442 17.92 -7.22 1.79
C ARG A 442 17.63 -7.55 3.22
N ASP A 443 17.21 -6.57 4.01
CA ASP A 443 16.52 -6.82 5.30
C ASP A 443 15.64 -8.07 5.29
N HIS A 444 14.82 -8.24 4.25
CA HIS A 444 13.76 -9.25 4.25
C HIS A 444 14.24 -10.57 3.69
N GLY A 445 15.52 -10.64 3.34
CA GLY A 445 16.13 -11.87 2.86
C GLY A 445 15.64 -12.27 1.48
N MET A 446 15.39 -11.27 0.63
CA MET A 446 14.90 -11.51 -0.71
C MET A 446 15.90 -12.20 -1.63
N PRO A 447 15.47 -13.34 -2.19
CA PRO A 447 16.19 -13.90 -3.33
C PRO A 447 16.34 -12.83 -4.42
N GLY A 448 17.46 -12.85 -5.15
CA GLY A 448 17.76 -11.87 -6.18
C GLY A 448 16.93 -12.03 -7.45
N TYR A 449 17.23 -11.20 -8.44
CA TYR A 449 16.41 -11.06 -9.62
C TYR A 449 16.17 -12.36 -10.44
N ASN A 450 17.21 -13.18 -10.62
CA ASN A 450 17.11 -14.45 -11.37
C ASN A 450 16.38 -15.62 -10.67
N SER A 451 16.43 -15.65 -9.34
CA SER A 451 15.64 -16.61 -8.55
C SER A 451 14.16 -16.34 -8.84
N TRP A 452 13.80 -15.08 -8.96
CA TRP A 452 12.42 -14.75 -9.31
C TRP A 452 12.06 -14.90 -10.81
N ARG A 453 12.96 -14.54 -11.72
CA ARG A 453 12.74 -14.85 -13.12
C ARG A 453 12.55 -16.36 -13.26
N GLY A 454 13.42 -17.14 -12.62
CA GLY A 454 13.27 -18.60 -12.57
C GLY A 454 11.90 -19.02 -12.08
N PHE A 455 11.53 -18.56 -10.87
CA PHE A 455 10.25 -18.90 -10.25
C PHE A 455 9.11 -18.55 -11.16
N CYS A 456 9.24 -17.50 -11.94
CA CYS A 456 8.20 -17.15 -12.92
C CYS A 456 8.35 -17.82 -14.29
N GLY A 457 9.36 -18.68 -14.45
CA GLY A 457 9.48 -19.42 -15.71
C GLY A 457 10.04 -18.57 -16.83
N LEU A 458 10.85 -17.59 -16.45
CA LEU A 458 11.36 -16.60 -17.36
C LEU A 458 12.84 -16.79 -17.40
N SER A 459 13.44 -16.32 -18.49
CA SER A 459 14.89 -16.43 -18.70
C SER A 459 15.70 -15.69 -17.64
N GLN A 460 16.92 -16.15 -17.48
CA GLN A 460 17.80 -15.64 -16.49
C GLN A 460 19.04 -15.19 -17.26
N PRO A 461 19.15 -13.86 -17.47
CA PRO A 461 20.33 -13.30 -18.12
C PRO A 461 21.54 -13.42 -17.22
N LYS A 462 22.66 -13.88 -17.77
CA LYS A 462 23.88 -14.08 -16.99
C LYS A 462 24.93 -13.03 -17.32
N THR A 463 24.75 -12.41 -18.49
CA THR A 463 25.69 -11.41 -19.01
C THR A 463 25.02 -10.10 -19.38
N LEU A 464 25.82 -9.02 -19.46
CA LEU A 464 25.30 -7.72 -19.89
C LEU A 464 24.36 -7.87 -21.07
N LYS A 465 24.85 -8.56 -22.09
CA LYS A 465 24.13 -8.75 -23.34
C LYS A 465 22.79 -9.42 -23.07
N GLY A 466 22.81 -10.45 -22.22
CA GLY A 466 21.58 -11.03 -21.66
C GLY A 466 20.65 -9.95 -21.11
N LEU A 467 21.17 -9.14 -20.18
CA LEU A 467 20.36 -8.12 -19.49
C LEU A 467 19.80 -7.04 -20.44
N GLN A 468 20.63 -6.54 -21.34
CA GLN A 468 20.19 -5.55 -22.34
C GLN A 468 18.95 -6.04 -23.06
N THR A 469 18.94 -7.34 -23.36
CA THR A 469 17.88 -7.95 -24.16
C THR A 469 16.57 -8.03 -23.43
N VAL A 470 16.64 -8.48 -22.16
CA VAL A 470 15.48 -8.54 -21.27
C VAL A 470 15.01 -7.13 -20.94
N LEU A 471 15.91 -6.28 -20.43
CA LEU A 471 15.55 -4.92 -20.02
C LEU A 471 15.25 -4.01 -21.19
N LYS A 472 15.50 -4.55 -22.40
CA LYS A 472 15.44 -3.80 -23.67
C LYS A 472 16.04 -2.39 -23.58
N ASN A 473 17.16 -2.28 -22.87
CA ASN A 473 17.83 -1.01 -22.66
C ASN A 473 19.31 -1.29 -22.49
N LYS A 474 20.14 -0.70 -23.35
CA LYS A 474 21.59 -0.96 -23.35
C LYS A 474 22.28 -0.24 -22.19
N ILE A 475 21.77 0.93 -21.85
CA ILE A 475 22.39 1.84 -20.88
C ILE A 475 22.19 1.38 -19.42
N LEU A 476 20.92 1.16 -19.08
CA LEU A 476 20.50 0.70 -17.77
C LEU A 476 21.17 -0.62 -17.42
N ALA A 477 21.09 -1.58 -18.32
CA ALA A 477 21.75 -2.87 -18.10
C ALA A 477 23.23 -2.73 -17.72
N LYS A 478 23.92 -1.82 -18.41
CA LYS A 478 25.33 -1.59 -18.21
C LYS A 478 25.59 -1.04 -16.82
N LYS A 479 24.79 -0.04 -16.43
CA LYS A 479 24.91 0.50 -15.07
C LYS A 479 24.56 -0.55 -14.02
N LEU A 480 23.57 -1.38 -14.31
CA LEU A 480 23.18 -2.45 -13.40
C LEU A 480 24.31 -3.46 -13.26
N MET A 481 24.92 -3.80 -14.39
CA MET A 481 26.12 -4.65 -14.42
C MET A 481 27.29 -4.08 -13.65
N ASP A 482 27.63 -2.82 -13.90
CA ASP A 482 28.71 -2.18 -13.13
C ASP A 482 28.44 -2.20 -11.65
N LEU A 483 27.20 -1.95 -11.24
CA LEU A 483 26.88 -1.94 -9.79
C LEU A 483 26.82 -3.33 -9.14
N TYR A 484 26.28 -4.31 -9.87
CA TYR A 484 25.98 -5.63 -9.32
C TYR A 484 26.88 -6.79 -9.78
N LYS A 485 27.54 -6.63 -10.93
CA LYS A 485 28.47 -7.67 -11.47
C LYS A 485 28.05 -9.10 -11.68
N THR A 486 26.67 -9.33 -11.39
CA THR A 486 25.93 -10.51 -11.91
C THR A 486 24.43 -10.18 -11.79
N PRO A 487 23.64 -10.47 -12.86
CA PRO A 487 22.19 -10.33 -12.76
C PRO A 487 21.54 -11.25 -11.73
N ASP A 488 22.32 -12.17 -11.14
CA ASP A 488 21.88 -12.96 -9.97
C ASP A 488 21.79 -12.06 -8.74
N ASN A 489 22.53 -10.96 -8.71
CA ASN A 489 22.56 -10.09 -7.53
C ASN A 489 21.65 -8.89 -7.56
N ILE A 490 20.94 -8.67 -8.68
CA ILE A 490 20.07 -7.50 -8.77
C ILE A 490 18.93 -7.63 -7.74
N ASP A 491 18.71 -6.56 -7.01
CA ASP A 491 17.67 -6.60 -6.01
C ASP A 491 16.33 -6.69 -6.75
N ILE A 492 15.52 -7.66 -6.33
CA ILE A 492 14.20 -7.83 -6.93
C ILE A 492 13.41 -6.50 -7.10
N TRP A 493 13.44 -5.60 -6.11
CA TRP A 493 12.67 -4.37 -6.34
C TRP A 493 13.15 -3.60 -7.59
N ILE A 494 14.44 -3.67 -7.89
CA ILE A 494 14.92 -2.79 -8.95
C ILE A 494 14.90 -3.53 -10.28
N GLY A 495 15.05 -4.84 -10.24
CA GLY A 495 15.06 -5.63 -11.46
C GLY A 495 13.70 -5.85 -12.04
N GLY A 496 12.71 -6.08 -11.18
CA GLY A 496 11.34 -6.23 -11.69
C GLY A 496 10.83 -4.93 -12.29
N ASN A 497 11.17 -3.80 -11.67
CA ASN A 497 10.69 -2.48 -12.11
C ASN A 497 11.41 -1.94 -13.33
N ALA A 498 12.68 -2.32 -13.51
CA ALA A 498 13.46 -1.96 -14.67
C ALA A 498 12.92 -2.58 -15.95
N GLU A 499 12.16 -3.66 -15.85
CA GLU A 499 11.64 -4.33 -17.05
C GLU A 499 10.66 -3.44 -17.81
N PRO A 500 10.58 -3.62 -19.12
CA PRO A 500 9.66 -2.79 -19.91
C PRO A 500 8.24 -3.31 -19.79
N MET A 501 7.27 -2.42 -19.86
CA MET A 501 5.87 -2.80 -19.67
C MET A 501 5.33 -3.85 -20.66
N VAL A 502 4.43 -4.68 -20.17
CA VAL A 502 3.67 -5.53 -21.01
C VAL A 502 2.65 -4.66 -21.72
N GLU A 503 2.12 -5.20 -22.82
CA GLU A 503 1.09 -4.57 -23.62
C GLU A 503 -0.12 -4.22 -22.75
N ARG A 504 -0.43 -2.94 -22.68
CA ARG A 504 -1.58 -2.41 -21.91
C ARG A 504 -1.44 -2.96 -20.46
N GLY A 505 -0.23 -2.87 -19.89
CA GLY A 505 0.05 -2.93 -18.45
C GLY A 505 0.89 -1.76 -17.96
N ARG A 506 1.24 -1.77 -16.68
CA ARG A 506 2.15 -0.77 -16.17
C ARG A 506 3.28 -1.39 -15.38
N VAL A 507 3.38 -2.71 -15.46
CA VAL A 507 4.57 -3.45 -15.01
C VAL A 507 5.04 -4.42 -16.08
N GLY A 508 6.32 -4.78 -16.02
CA GLY A 508 6.86 -5.79 -16.90
C GLY A 508 6.53 -7.21 -16.49
N PRO A 509 6.87 -8.18 -17.36
CA PRO A 509 6.42 -9.57 -17.17
C PRO A 509 6.76 -10.21 -15.81
N LEU A 510 7.91 -9.91 -15.22
CA LEU A 510 8.24 -10.52 -13.89
C LEU A 510 7.29 -10.02 -12.81
N LEU A 511 7.09 -8.70 -12.75
CA LEU A 511 6.14 -8.17 -11.80
C LEU A 511 4.71 -8.69 -12.05
N ALA A 512 4.25 -8.66 -13.29
CA ALA A 512 2.92 -9.23 -13.61
C ALA A 512 2.76 -10.67 -13.13
N CYS A 513 3.82 -11.45 -13.19
CA CYS A 513 3.81 -12.80 -12.58
C CYS A 513 3.66 -12.75 -11.06
N LEU A 514 4.48 -11.96 -10.38
CA LEU A 514 4.42 -11.86 -8.92
C LEU A 514 3.09 -11.28 -8.44
N LEU A 515 2.73 -10.11 -8.99
CA LEU A 515 1.39 -9.56 -8.79
C LEU A 515 0.24 -10.49 -9.16
N GLY A 516 0.26 -11.08 -10.34
CA GLY A 516 -0.88 -11.87 -10.81
C GLY A 516 -1.17 -13.04 -9.90
N ARG A 517 -0.19 -13.91 -9.71
CA ARG A 517 -0.29 -14.95 -8.70
C ARG A 517 -0.91 -14.46 -7.38
N GLN A 518 -0.38 -13.38 -6.81
CA GLN A 518 -0.80 -12.98 -5.46
C GLN A 518 -2.28 -12.57 -5.39
N PHE A 519 -2.72 -11.73 -6.34
CA PHE A 519 -4.11 -11.32 -6.47
C PHE A 519 -5.07 -12.47 -6.76
N GLN A 520 -4.62 -13.43 -7.56
CA GLN A 520 -5.37 -14.68 -7.74
C GLN A 520 -5.50 -15.39 -6.42
N GLN A 521 -4.40 -15.50 -5.70
CA GLN A 521 -4.46 -16.12 -4.38
C GLN A 521 -5.36 -15.42 -3.38
N ILE A 522 -5.32 -14.09 -3.29
CA ILE A 522 -6.30 -13.36 -2.44
C ILE A 522 -7.78 -13.39 -2.90
N ARG A 523 -8.06 -13.66 -4.16
CA ARG A 523 -9.45 -13.87 -4.58
C ARG A 523 -9.94 -15.28 -4.23
N ASP A 524 -9.21 -16.28 -4.72
CA ASP A 524 -9.61 -17.67 -4.58
C ASP A 524 -9.59 -18.20 -3.15
N GLY A 525 -8.68 -17.70 -2.31
CA GLY A 525 -8.50 -18.29 -0.99
C GLY A 525 -9.36 -17.64 0.05
N ASP A 526 -10.26 -16.76 -0.42
CA ASP A 526 -11.08 -15.89 0.44
C ASP A 526 -12.49 -16.44 0.54
N ARG A 527 -12.81 -17.02 1.69
CA ARG A 527 -14.15 -17.49 1.93
C ARG A 527 -15.20 -16.39 1.67
N PHE A 528 -14.89 -15.14 2.03
CA PHE A 528 -15.83 -14.01 1.94
C PHE A 528 -15.61 -13.11 0.74
N TRP A 529 -15.06 -13.68 -0.34
CA TRP A 529 -15.04 -12.97 -1.60
C TRP A 529 -16.46 -12.64 -2.01
N TRP A 530 -16.70 -11.35 -2.17
CA TRP A 530 -18.00 -10.79 -2.54
C TRP A 530 -18.80 -11.66 -3.55
N GLU A 531 -18.09 -12.31 -4.48
CA GLU A 531 -18.67 -13.04 -5.60
C GLU A 531 -18.75 -14.53 -5.23
N ASN A 532 -18.30 -14.88 -4.03
CA ASN A 532 -18.42 -16.25 -3.61
C ASN A 532 -19.87 -16.41 -3.18
N PRO A 533 -20.63 -17.25 -3.92
CA PRO A 533 -22.06 -17.34 -3.62
C PRO A 533 -22.25 -17.81 -2.19
N GLY A 534 -23.11 -17.14 -1.44
CA GLY A 534 -23.29 -17.47 -0.03
C GLY A 534 -22.95 -16.28 0.82
N VAL A 535 -22.23 -15.35 0.25
CA VAL A 535 -21.77 -14.17 0.96
C VAL A 535 -22.80 -13.05 0.77
N PHE A 536 -23.19 -12.79 -0.48
CA PHE A 536 -24.30 -11.90 -0.78
C PHE A 536 -25.37 -12.67 -1.54
N THR A 537 -26.53 -12.05 -1.78
CA THR A 537 -27.60 -12.70 -2.51
C THR A 537 -27.50 -12.39 -3.99
N GLU A 538 -28.07 -13.28 -4.80
CA GLU A 538 -28.22 -13.05 -6.23
C GLU A 538 -28.47 -11.56 -6.47
N LYS A 539 -29.30 -10.98 -5.60
CA LYS A 539 -29.80 -9.62 -5.76
C LYS A 539 -28.75 -8.64 -5.27
N GLN A 540 -28.28 -8.83 -4.04
CA GLN A 540 -27.19 -8.05 -3.46
C GLN A 540 -25.97 -7.96 -4.43
N ARG A 541 -25.58 -9.08 -5.04
CA ARG A 541 -24.51 -9.05 -6.03
C ARG A 541 -24.84 -8.28 -7.32
N ASP A 542 -26.12 -7.97 -7.54
CA ASP A 542 -26.48 -7.24 -8.75
C ASP A 542 -26.40 -5.73 -8.57
N SER A 543 -26.75 -5.28 -7.38
CA SER A 543 -26.51 -3.91 -6.97
C SER A 543 -24.99 -3.62 -6.98
N LEU A 544 -24.25 -4.35 -6.14
CA LEU A 544 -22.80 -4.24 -6.08
C LEU A 544 -22.14 -4.03 -7.46
N GLN A 545 -22.60 -4.77 -8.46
CA GLN A 545 -22.03 -4.70 -9.80
C GLN A 545 -22.07 -3.30 -10.44
N LYS A 546 -22.74 -2.39 -9.75
CA LYS A 546 -22.98 -1.03 -10.20
C LYS A 546 -21.97 -0.03 -9.68
N VAL A 547 -21.34 -0.33 -8.53
CA VAL A 547 -20.36 0.57 -7.91
C VAL A 547 -19.08 1.00 -8.60
N SER A 548 -18.87 2.31 -8.62
CA SER A 548 -17.78 2.91 -9.32
C SER A 548 -17.13 3.86 -8.34
N PHE A 549 -15.82 4.06 -8.47
CA PHE A 549 -15.14 5.10 -7.70
C PHE A 549 -15.76 6.49 -7.96
N SER A 550 -16.01 6.81 -9.23
CA SER A 550 -16.76 8.02 -9.60
C SER A 550 -17.95 8.23 -8.67
N ARG A 551 -18.85 7.24 -8.62
CA ARG A 551 -19.96 7.24 -7.64
C ARG A 551 -19.55 7.51 -6.18
N LEU A 552 -18.49 6.87 -5.70
CA LEU A 552 -18.08 7.03 -4.30
C LEU A 552 -17.77 8.49 -3.97
N ILE A 553 -17.09 9.19 -4.88
CA ILE A 553 -16.86 10.65 -4.79
C ILE A 553 -18.22 11.37 -4.74
N CYS A 554 -18.97 11.31 -5.84
CA CYS A 554 -20.32 11.85 -5.93
C CYS A 554 -21.09 11.82 -4.62
N ASP A 555 -21.27 10.62 -4.06
CA ASP A 555 -22.05 10.52 -2.84
C ASP A 555 -21.24 10.84 -1.57
N ASN A 556 -19.98 11.26 -1.70
CA ASN A 556 -19.18 11.52 -0.47
C ASN A 556 -18.39 12.85 -0.46
N THR A 557 -18.59 13.63 -1.51
CA THR A 557 -17.98 14.96 -1.60
C THR A 557 -18.91 15.93 -2.31
N HIS A 558 -18.59 17.21 -2.25
CA HIS A 558 -19.42 18.21 -2.90
C HIS A 558 -19.02 18.38 -4.36
N ILE A 559 -18.24 17.43 -4.88
CA ILE A 559 -18.01 17.35 -6.31
C ILE A 559 -19.26 16.76 -6.96
N THR A 560 -19.59 17.22 -8.16
CA THR A 560 -20.81 16.82 -8.85
C THR A 560 -20.54 16.60 -10.34
N LYS A 561 -19.28 16.77 -10.71
CA LYS A 561 -18.81 16.48 -12.05
C LYS A 561 -17.69 15.43 -11.95
N VAL A 562 -17.88 14.27 -12.60
CA VAL A 562 -16.96 13.11 -12.55
C VAL A 562 -16.90 12.36 -13.88
N PRO A 563 -15.73 11.75 -14.22
CA PRO A 563 -15.68 10.89 -15.38
C PRO A 563 -16.34 9.54 -15.11
N LEU A 564 -16.57 8.77 -16.16
CA LEU A 564 -17.07 7.39 -16.03
C LEU A 564 -15.97 6.46 -15.52
N HIS A 565 -14.82 6.53 -16.19
CA HIS A 565 -13.68 5.64 -16.00
C HIS A 565 -12.59 6.37 -15.25
N ALA A 566 -12.79 6.49 -13.94
CA ALA A 566 -11.89 7.18 -13.01
C ALA A 566 -10.37 6.93 -13.14
N PHE A 567 -9.98 5.79 -13.68
CA PHE A 567 -8.57 5.41 -13.65
C PHE A 567 -7.74 5.89 -14.83
N GLN A 568 -8.37 6.09 -15.97
CA GLN A 568 -7.66 6.59 -17.12
C GLN A 568 -7.58 8.13 -17.08
N ALA A 569 -6.77 8.69 -17.98
CA ALA A 569 -6.54 10.14 -18.04
C ALA A 569 -7.79 10.89 -18.52
N ASN A 570 -8.38 11.68 -17.62
CA ASN A 570 -9.67 12.34 -17.87
C ASN A 570 -9.59 13.87 -17.84
N ASN A 571 -9.94 14.51 -18.96
CA ASN A 571 -9.85 15.95 -19.12
C ASN A 571 -11.18 16.62 -19.18
N TYR A 572 -11.27 17.69 -18.40
CA TYR A 572 -12.47 18.51 -18.25
C TYR A 572 -12.63 19.46 -19.44
N PRO A 573 -13.86 19.56 -19.98
CA PRO A 573 -15.00 18.79 -19.54
C PRO A 573 -15.40 17.61 -20.44
N HIS A 574 -14.66 17.37 -21.53
CA HIS A 574 -15.03 16.31 -22.49
C HIS A 574 -15.10 14.88 -21.94
N ASP A 575 -14.58 14.64 -20.74
CA ASP A 575 -14.67 13.29 -20.16
C ASP A 575 -15.55 13.22 -18.90
N PHE A 576 -16.08 14.36 -18.47
CA PHE A 576 -16.90 14.43 -17.25
C PHE A 576 -18.43 14.46 -17.47
N VAL A 577 -19.17 14.10 -16.42
CA VAL A 577 -20.63 13.99 -16.41
C VAL A 577 -21.15 14.32 -14.99
N ASP A 578 -22.45 14.61 -14.83
CA ASP A 578 -22.99 14.96 -13.50
C ASP A 578 -23.25 13.72 -12.66
N CYS A 579 -23.06 13.89 -11.37
CA CYS A 579 -23.38 12.89 -10.37
C CYS A 579 -24.72 12.22 -10.70
N SER A 580 -25.62 13.04 -11.25
CA SER A 580 -26.93 12.63 -11.73
C SER A 580 -26.99 11.37 -12.57
N THR A 581 -26.19 11.34 -13.63
CA THR A 581 -26.29 10.32 -14.68
C THR A 581 -25.49 9.05 -14.38
N VAL A 582 -25.16 8.85 -13.11
CA VAL A 582 -24.24 7.81 -12.70
C VAL A 582 -24.89 6.83 -11.74
N ASP A 583 -25.13 5.61 -12.24
CA ASP A 583 -25.72 4.51 -11.47
C ASP A 583 -25.17 4.49 -10.08
N LYS A 584 -26.07 4.62 -9.10
CA LYS A 584 -25.74 4.59 -7.69
C LYS A 584 -25.89 3.16 -7.21
N LEU A 585 -25.62 2.94 -5.92
CA LEU A 585 -25.73 1.63 -5.34
C LEU A 585 -27.13 1.47 -4.77
N ASP A 586 -27.94 0.69 -5.46
CA ASP A 586 -29.31 0.43 -5.01
C ASP A 586 -29.32 -0.53 -3.83
N LEU A 587 -29.54 0.02 -2.65
CA LEU A 587 -29.43 -0.73 -1.41
C LEU A 587 -30.67 -1.53 -0.95
N SER A 588 -31.61 -1.77 -1.88
CA SER A 588 -32.84 -2.48 -1.49
C SER A 588 -32.62 -3.96 -1.10
N PRO A 589 -31.82 -4.74 -1.88
CA PRO A 589 -31.62 -6.15 -1.53
C PRO A 589 -31.11 -6.39 -0.10
N TRP A 590 -30.75 -5.32 0.60
CA TRP A 590 -30.34 -5.38 1.99
C TRP A 590 -31.52 -5.11 2.93
N ALA A 591 -32.68 -4.80 2.35
CA ALA A 591 -33.96 -4.72 3.10
C ALA A 591 -34.32 -6.08 3.73
N SER A 592 -34.49 -6.08 5.06
CA SER A 592 -34.77 -7.30 5.82
C SER A 592 -36.02 -8.05 5.32
N ARG A 593 -35.82 -9.27 4.82
CA ARG A 593 -36.93 -10.13 4.44
C ARG A 593 -37.54 -10.78 5.70
N GLU A 594 -37.13 -10.25 6.86
CA GLU A 594 -37.68 -10.56 8.19
C GLU A 594 -38.46 -9.34 8.69
N ASN A 595 -39.34 -9.56 9.66
CA ASN A 595 -40.10 -8.46 10.27
C ASN A 595 -39.26 -7.65 11.27
CA CA B . -6.74 -6.72 4.38
CHA HEM C . 6.29 0.98 1.68
CHB HEM C . 5.94 5.73 1.24
CHC HEM C . 3.06 5.20 -2.62
CHD HEM C . 3.26 0.47 -2.09
C1A HEM C . 6.43 2.30 1.90
C2A HEM C . 7.17 2.86 3.02
C3A HEM C . 7.08 4.19 2.92
C4A HEM C . 6.27 4.49 1.72
CMA HEM C . 7.73 5.21 3.89
CAA HEM C . 7.89 2.03 4.10
CBA HEM C . 9.27 1.76 3.54
CGA HEM C . 10.07 0.87 4.44
O1A HEM C . 10.32 -0.29 4.01
O2A HEM C . 10.45 1.32 5.56
C1B HEM C . 5.10 6.00 0.16
C2B HEM C . 4.58 7.29 -0.21
C3B HEM C . 3.80 7.17 -1.25
C4B HEM C . 3.75 5.76 -1.58
CMB HEM C . 4.93 8.61 0.48
CAB HEM C . 3.07 8.32 -2.01
CBB HEM C . 3.60 9.57 -2.01
C1C HEM C . 2.87 3.89 -2.85
C2C HEM C . 2.14 3.30 -3.95
C3C HEM C . 2.16 1.96 -3.79
C4C HEM C . 2.95 1.70 -2.60
CMC HEM C . 1.47 4.12 -5.07
CAC HEM C . 1.55 0.83 -4.64
CBC HEM C . 0.90 0.94 -5.80
C1D HEM C . 4.03 0.18 -0.99
C2D HEM C . 4.12 -1.11 -0.39
C3D HEM C . 5.05 -0.98 0.78
C4D HEM C . 5.45 0.41 0.78
CMD HEM C . 3.45 -2.42 -0.84
CAD HEM C . 5.44 -2.12 1.75
CBD HEM C . 4.33 -2.20 2.82
CGD HEM C . 4.67 -3.25 3.84
O1D HEM C . 5.29 -2.97 4.91
O2D HEM C . 4.30 -4.40 3.55
NA HEM C . 5.93 3.31 1.12
NB HEM C . 4.56 5.08 -0.69
NC HEM C . 3.37 2.88 -2.06
ND HEM C . 4.83 1.06 -0.28
FE HEM C . 4.67 3.08 -0.45
C1 NAG D . -6.72 4.01 -21.77
C2 NAG D . -6.92 3.72 -23.26
C3 NAG D . -8.18 2.91 -23.58
C4 NAG D . -8.22 1.66 -22.73
C5 NAG D . -8.16 2.05 -21.24
C6 NAG D . -8.02 0.81 -20.35
C7 NAG D . -6.32 5.21 -25.12
C8 NAG D . -6.56 6.57 -25.72
N2 NAG D . -6.99 4.97 -24.00
O3 NAG D . -8.18 2.56 -24.95
O4 NAG D . -9.38 0.88 -23.04
O5 NAG D . -7.06 2.90 -20.92
O6 NAG D . -9.29 0.24 -20.07
O7 NAG D . -5.55 4.40 -25.66
C1 NAG E . -21.59 9.22 16.76
C2 NAG E . -20.84 10.45 17.29
C3 NAG E . -21.75 11.34 18.13
C4 NAG E . -23.09 11.56 17.43
C5 NAG E . -23.71 10.22 17.03
C6 NAG E . -25.07 10.38 16.35
C7 NAG E . -18.42 10.09 17.69
C8 NAG E . -17.40 9.74 18.72
N2 NAG E . -19.69 10.12 18.11
O3 NAG E . -21.11 12.58 18.33
O4 NAG E . -23.97 12.34 18.21
O5 NAG E . -22.82 9.56 16.14
O6 NAG E . -24.86 10.83 15.02
O7 NAG E . -18.03 10.30 16.53
C1 NAG F . 1.14 26.68 9.16
C2 NAG F . 1.71 27.29 7.88
C3 NAG F . 1.09 28.65 7.57
C4 NAG F . -0.43 28.52 7.52
C5 NAG F . -0.94 27.96 8.85
C6 NAG F . -2.41 27.64 8.69
C7 NAG F . 3.95 26.51 7.31
C8 NAG F . 5.43 26.72 7.48
N2 NAG F . 3.15 27.37 7.95
O3 NAG F . 1.54 29.15 6.31
O4 NAG F . -1.06 29.74 7.22
O5 NAG F . -0.28 26.74 9.16
O6 NAG F . -2.94 27.12 9.90
O7 NAG F . 3.53 25.59 6.61
C1 NAG G . -7.55 -25.21 -6.13
C2 NAG G . -7.93 -26.48 -6.92
C3 NAG G . -6.71 -27.31 -7.34
C4 NAG G . -5.48 -27.28 -6.42
C5 NAG G . -5.46 -26.24 -5.27
C6 NAG G . -4.23 -25.31 -5.38
C7 NAG G . -10.00 -27.77 -6.41
C8 NAG G . -10.68 -28.61 -5.36
N2 NAG G . -8.79 -27.31 -6.08
O3 NAG G . -6.24 -26.92 -8.62
O4 NAG G . -5.26 -28.59 -5.92
O5 NAG G . -6.69 -25.57 -5.04
O6 NAG G . -4.24 -24.47 -6.52
O7 NAG G . -10.56 -27.55 -7.50
C1 BMM H . 2.87 3.96 2.76
BR BMM H . 3.85 4.36 4.46
I IOD I . 8.83 -14.75 -0.75
I IOD J . -17.44 20.08 -8.92
I IOD K . -14.60 -8.52 -9.76
I IOD L . -11.29 14.01 17.16
I IOD M . -2.74 1.76 -22.18
I IOD N . -3.38 -14.73 25.80
I IOD O . 26.83 7.89 -6.19
I IOD P . 7.91 13.38 14.91
I IOD Q . -2.55 23.20 -11.07
I IOD R . 9.03 21.08 3.53
I IOD S . 9.94 22.90 -4.29
I IOD T . 21.16 14.90 -4.03
I IOD U . -13.04 -10.09 15.78
#